data_4OPP
#
_entry.id   4OPP
#
_cell.length_a   88.664
_cell.length_b   101.516
_cell.length_c   162.970
_cell.angle_alpha   90.00
_cell.angle_beta   90.00
_cell.angle_gamma   90.00
#
_symmetry.space_group_name_H-M   'I 2 2 2'
#
loop_
_entity.id
_entity.type
_entity.pdbx_description
1 polymer 'Peptidoglycan recognition protein 1'
2 non-polymer '11-cyclohexylundecanoic acid'
3 non-polymer 2-acetamido-2-deoxy-beta-D-glucopyranose
4 non-polymer 'L(+)-TARTARIC ACID'
5 non-polymer GLYCEROL
6 water water
#
_entity_poly.entity_id   1
_entity_poly.type   'polypeptide(L)'
_entity_poly.pdbx_seq_one_letter_code
;EDPPACGSIVPRREWRALASECRERLTRPVRYVVVSHTAGSHCDTPASCAQQAQNVQSYHVRNLGWCDVGYNFLIGEDGL
VYEGRGWNIKGAHAGPTWNPISIGISFMGNYMNRVPPPRALRAAQNLLACGVALGALRSNYEVKGHRDVQPTLSPGDRLY
EIIQTWSHYRA
;
_entity_poly.pdbx_strand_id   A,B,C,D
#
# COMPACT_ATOMS: atom_id res chain seq x y z
N GLU A 1 15.59 10.36 11.73
CA GLU A 1 15.11 10.08 10.35
C GLU A 1 14.14 11.14 9.88
N ASP A 2 12.98 11.16 10.55
CA ASP A 2 11.87 12.06 10.19
C ASP A 2 11.15 12.56 11.45
N PRO A 3 11.36 13.83 11.84
CA PRO A 3 10.73 14.43 13.02
C PRO A 3 9.23 14.13 13.29
N PRO A 4 8.34 14.41 12.32
CA PRO A 4 6.89 14.17 12.51
C PRO A 4 6.48 12.78 13.05
N ALA A 5 6.32 12.65 14.38
CA ALA A 5 5.91 11.38 15.00
C ALA A 5 4.51 10.97 14.52
N CYS A 6 4.09 9.72 14.72
CA CYS A 6 2.80 9.33 14.19
C CYS A 6 1.77 8.55 15.02
N GLY A 7 0.51 8.89 14.78
CA GLY A 7 -0.61 8.26 15.43
C GLY A 7 -0.76 8.51 16.91
N SER A 8 -1.93 8.14 17.42
CA SER A 8 -2.26 8.27 18.82
C SER A 8 -2.13 6.84 19.32
N ILE A 9 -1.38 6.66 20.39
CA ILE A 9 -1.19 5.34 20.95
C ILE A 9 -1.22 5.48 22.45
N VAL A 10 -1.92 4.58 23.12
CA VAL A 10 -1.98 4.63 24.57
C VAL A 10 -0.64 4.06 25.06
N PRO A 11 0.25 4.92 25.56
CA PRO A 11 1.57 4.51 26.06
C PRO A 11 1.54 3.48 27.18
N ARG A 12 2.62 2.69 27.29
CA ARG A 12 2.75 1.65 28.30
C ARG A 12 2.30 2.10 29.68
N ARG A 13 2.89 3.19 30.16
CA ARG A 13 2.60 3.74 31.48
C ARG A 13 1.14 4.06 31.72
N GLU A 14 0.47 4.57 30.69
CA GLU A 14 -0.95 4.93 30.80
C GLU A 14 -1.80 3.70 31.11
N TRP A 15 -1.54 2.58 30.46
CA TRP A 15 -2.33 1.40 30.76
C TRP A 15 -1.73 0.61 31.92
N ARG A 16 -0.80 1.26 32.62
CA ARG A 16 -0.10 0.70 33.78
C ARG A 16 0.55 -0.66 33.56
N ALA A 17 1.41 -0.74 32.55
CA ALA A 17 2.09 -1.98 32.23
C ALA A 17 3.34 -2.23 33.06
N LEU A 18 3.61 -3.49 33.34
CA LEU A 18 4.80 -3.85 34.07
C LEU A 18 5.93 -3.50 33.11
N ALA A 19 7.09 -3.16 33.65
CA ALA A 19 8.24 -2.80 32.81
C ALA A 19 8.68 -3.99 31.98
N SER A 20 9.19 -3.71 30.79
CA SER A 20 9.66 -4.77 29.90
C SER A 20 11.08 -5.19 30.25
N GLU A 21 11.38 -6.47 30.03
CA GLU A 21 12.72 -7.02 30.26
C GLU A 21 13.21 -7.50 28.89
N CYS A 22 12.41 -7.23 27.87
CA CYS A 22 12.74 -7.63 26.50
C CYS A 22 13.75 -6.83 25.70
N ARG A 23 14.79 -7.51 25.21
CA ARG A 23 15.94 -6.82 24.66
C ARG A 23 16.25 -7.04 23.17
N GLU A 24 15.83 -8.16 22.59
CA GLU A 24 16.10 -8.37 21.17
C GLU A 24 15.35 -7.40 20.25
N ARG A 25 16.11 -6.60 19.52
CA ARG A 25 15.56 -5.62 18.59
C ARG A 25 15.19 -6.21 17.23
N LEU A 26 14.25 -5.56 16.56
CA LEU A 26 13.81 -6.00 15.23
C LEU A 26 14.65 -5.20 14.24
N THR A 27 14.80 -5.71 13.02
CA THR A 27 15.56 -4.99 12.03
C THR A 27 14.57 -4.17 11.23
N ARG A 28 14.72 -2.85 11.28
CA ARG A 28 13.85 -1.95 10.54
C ARG A 28 14.44 -1.77 9.15
N PRO A 29 13.61 -1.69 8.11
CA PRO A 29 12.15 -1.73 8.22
C PRO A 29 11.62 -3.17 8.21
N VAL A 30 10.52 -3.40 8.90
CA VAL A 30 9.94 -4.74 8.96
C VAL A 30 9.02 -4.94 7.77
N ARG A 31 9.03 -6.15 7.22
CA ARG A 31 8.25 -6.49 6.05
C ARG A 31 6.87 -7.08 6.32
N TYR A 32 6.74 -7.84 7.40
CA TYR A 32 5.46 -8.48 7.71
C TYR A 32 4.74 -7.98 8.95
N VAL A 33 3.42 -8.09 8.92
CA VAL A 33 2.57 -7.73 10.04
C VAL A 33 1.62 -8.89 10.23
N VAL A 34 1.64 -9.48 11.42
CA VAL A 34 0.76 -10.61 11.67
C VAL A 34 -0.38 -10.15 12.56
N VAL A 35 -1.60 -10.46 12.13
CA VAL A 35 -2.79 -10.07 12.86
C VAL A 35 -3.44 -11.22 13.58
N SER A 36 -3.56 -11.06 14.89
CA SER A 36 -4.14 -12.07 15.76
C SER A 36 -5.23 -11.44 16.62
N HIS A 37 -5.93 -12.29 17.36
CA HIS A 37 -6.91 -11.83 18.31
C HIS A 37 -6.42 -12.51 19.57
N THR A 38 -6.77 -11.95 20.73
CA THR A 38 -6.33 -12.49 22.01
C THR A 38 -7.17 -13.69 22.41
N ALA A 39 -8.32 -13.84 21.75
CA ALA A 39 -9.26 -14.90 22.07
C ALA A 39 -9.74 -14.72 23.51
N GLY A 40 -9.56 -13.52 24.04
CA GLY A 40 -9.98 -13.23 25.41
C GLY A 40 -11.18 -12.30 25.47
N SER A 41 -11.40 -11.71 26.65
CA SER A 41 -12.51 -10.78 26.87
C SER A 41 -12.36 -9.54 26.02
N HIS A 42 -13.47 -8.94 25.60
CA HIS A 42 -13.34 -7.70 24.85
C HIS A 42 -13.66 -6.55 25.82
N CYS A 43 -13.47 -5.32 25.38
CA CYS A 43 -13.67 -4.14 26.22
C CYS A 43 -13.99 -3.03 25.25
N ASP A 44 -14.89 -2.13 25.64
CA ASP A 44 -15.30 -1.01 24.76
C ASP A 44 -14.97 0.39 25.28
N THR A 45 -14.22 0.48 26.38
CA THR A 45 -14.01 1.75 27.04
C THR A 45 -12.55 1.83 27.39
N PRO A 46 -11.97 3.04 27.35
CA PRO A 46 -10.55 3.21 27.67
C PRO A 46 -10.23 2.54 29.01
N ALA A 47 -11.11 2.76 29.97
CA ALA A 47 -10.94 2.18 31.29
C ALA A 47 -10.88 0.66 31.22
N SER A 48 -11.90 0.05 30.62
CA SER A 48 -11.93 -1.41 30.52
C SER A 48 -10.85 -1.96 29.60
N CYS A 49 -10.55 -1.25 28.52
CA CYS A 49 -9.52 -1.72 27.59
C CYS A 49 -8.09 -1.63 28.14
N ALA A 50 -7.80 -0.63 28.99
CA ALA A 50 -6.48 -0.53 29.58
C ALA A 50 -6.36 -1.75 30.49
N GLN A 51 -7.44 -2.02 31.21
CA GLN A 51 -7.48 -3.16 32.12
C GLN A 51 -7.18 -4.43 31.35
N GLN A 52 -7.86 -4.63 30.23
CA GLN A 52 -7.63 -5.83 29.42
C GLN A 52 -6.19 -5.94 28.93
N ALA A 53 -5.61 -4.81 28.53
CA ALA A 53 -4.21 -4.80 28.08
C ALA A 53 -3.35 -5.31 29.23
N GLN A 54 -3.64 -4.81 30.43
CA GLN A 54 -2.91 -5.20 31.62
C GLN A 54 -3.00 -6.72 31.85
N ASN A 55 -4.20 -7.28 31.75
CA ASN A 55 -4.42 -8.71 31.98
C ASN A 55 -3.74 -9.60 30.96
N VAL A 56 -3.65 -9.13 29.73
CA VAL A 56 -3.01 -9.92 28.70
C VAL A 56 -1.53 -9.93 29.00
N GLN A 57 -0.97 -8.76 29.28
CA GLN A 57 0.44 -8.67 29.60
C GLN A 57 0.76 -9.52 30.83
N SER A 58 -0.06 -9.40 31.86
CA SER A 58 0.12 -10.14 33.11
C SER A 58 0.24 -11.64 32.84
N TYR A 59 -0.74 -12.18 32.14
CA TYR A 59 -0.78 -13.60 31.79
C TYR A 59 0.47 -14.04 31.00
N HIS A 60 0.95 -13.19 30.10
CA HIS A 60 2.14 -13.51 29.30
C HIS A 60 3.39 -13.52 30.15
N VAL A 61 3.56 -12.49 30.97
CA VAL A 61 4.73 -12.37 31.82
C VAL A 61 4.69 -13.33 33.00
N ARG A 62 3.63 -13.26 33.80
CA ARG A 62 3.51 -14.10 34.97
C ARG A 62 3.28 -15.61 34.76
N ASN A 63 2.44 -15.98 33.78
CA ASN A 63 2.18 -17.41 33.50
C ASN A 63 3.05 -18.04 32.42
N LEU A 64 3.42 -17.24 31.43
CA LEU A 64 4.21 -17.76 30.32
C LEU A 64 5.69 -17.45 30.42
N GLY A 65 6.07 -16.54 31.31
CA GLY A 65 7.47 -16.20 31.48
C GLY A 65 8.09 -15.35 30.40
N TRP A 66 7.27 -14.76 29.53
CA TRP A 66 7.83 -13.91 28.50
C TRP A 66 8.35 -12.63 29.15
N CYS A 67 9.17 -11.87 28.42
CA CYS A 67 9.78 -10.64 28.93
C CYS A 67 8.84 -9.45 28.93
N ASP A 68 7.78 -9.53 28.13
CA ASP A 68 6.81 -8.45 27.98
C ASP A 68 5.55 -8.98 27.31
N VAL A 69 4.46 -8.23 27.33
CA VAL A 69 3.30 -8.65 26.56
C VAL A 69 3.91 -9.05 25.20
N GLY A 70 3.49 -10.20 24.68
CA GLY A 70 4.06 -10.68 23.43
C GLY A 70 3.75 -9.92 22.16
N TYR A 71 2.65 -9.17 22.16
CA TYR A 71 2.26 -8.40 20.99
C TYR A 71 2.97 -7.07 20.93
N ASN A 72 3.22 -6.58 19.72
CA ASN A 72 3.87 -5.29 19.55
C ASN A 72 2.87 -4.17 19.88
N PHE A 73 1.60 -4.41 19.53
CA PHE A 73 0.49 -3.47 19.80
C PHE A 73 -0.80 -4.26 19.96
N LEU A 74 -1.73 -3.71 20.75
CA LEU A 74 -3.03 -4.32 20.94
C LEU A 74 -4.05 -3.31 20.46
N ILE A 75 -5.17 -3.81 19.95
CA ILE A 75 -6.25 -2.95 19.45
C ILE A 75 -7.49 -3.19 20.30
N GLY A 76 -8.12 -2.10 20.76
CA GLY A 76 -9.31 -2.24 21.57
C GLY A 76 -10.57 -1.85 20.80
N GLU A 77 -11.71 -2.31 21.28
CA GLU A 77 -12.98 -1.97 20.63
C GLU A 77 -13.37 -0.56 21.04
N ASP A 78 -12.56 0.03 21.92
CA ASP A 78 -12.76 1.38 22.37
C ASP A 78 -12.16 2.25 21.27
N GLY A 79 -11.51 1.59 20.32
CA GLY A 79 -10.90 2.28 19.21
C GLY A 79 -9.53 2.87 19.49
N LEU A 80 -8.87 2.39 20.53
CA LEU A 80 -7.57 2.92 20.83
C LEU A 80 -6.52 1.83 20.63
N VAL A 81 -5.31 2.27 20.32
CA VAL A 81 -4.19 1.36 20.11
C VAL A 81 -3.39 1.35 21.40
N TYR A 82 -3.13 0.17 21.91
CA TYR A 82 -2.36 0.04 23.14
C TYR A 82 -0.95 -0.40 22.83
N GLU A 83 0.00 0.35 23.36
CA GLU A 83 1.40 0.06 23.15
C GLU A 83 1.86 -1.22 23.82
N GLY A 84 2.35 -2.13 22.99
CA GLY A 84 2.87 -3.41 23.44
C GLY A 84 4.38 -3.26 23.43
N ARG A 85 5.11 -4.19 22.81
CA ARG A 85 6.56 -4.09 22.76
C ARG A 85 7.01 -2.95 21.85
N GLY A 86 6.07 -2.41 21.08
CA GLY A 86 6.39 -1.32 20.18
C GLY A 86 6.98 -1.74 18.85
N TRP A 87 7.50 -0.77 18.11
CA TRP A 87 8.09 -0.98 16.78
C TRP A 87 9.49 -1.56 16.74
N ASN A 88 10.30 -1.28 17.74
CA ASN A 88 11.68 -1.71 17.70
C ASN A 88 12.07 -3.03 18.35
N ILE A 89 11.17 -3.58 19.15
CA ILE A 89 11.42 -4.85 19.85
C ILE A 89 10.70 -6.07 19.27
N LYS A 90 11.39 -7.20 19.27
CA LYS A 90 10.83 -8.44 18.75
C LYS A 90 9.75 -8.98 19.69
N GLY A 91 8.60 -9.35 19.14
CA GLY A 91 7.55 -9.89 19.98
C GLY A 91 7.54 -11.40 20.03
N ALA A 92 6.66 -11.93 20.86
CA ALA A 92 6.35 -13.33 20.84
C ALA A 92 4.93 -13.75 20.61
N HIS A 93 4.53 -13.82 19.35
CA HIS A 93 3.13 -13.87 18.99
C HIS A 93 2.84 -14.73 17.77
N ALA A 94 3.87 -15.01 16.97
CA ALA A 94 3.71 -15.81 15.76
C ALA A 94 4.57 -17.09 15.62
N GLY A 95 5.32 -17.47 16.64
CA GLY A 95 6.32 -18.50 16.48
C GLY A 95 7.69 -17.94 16.18
N PRO A 96 8.74 -18.77 16.27
CA PRO A 96 10.14 -18.42 16.03
C PRO A 96 10.54 -18.08 14.59
N THR A 97 9.77 -18.53 13.62
CA THR A 97 10.11 -18.21 12.25
C THR A 97 9.68 -16.78 12.03
N TRP A 98 8.44 -16.51 12.39
CA TRP A 98 7.86 -15.19 12.20
C TRP A 98 8.14 -14.07 13.19
N ASN A 99 8.25 -14.38 14.48
CA ASN A 99 8.50 -13.33 15.48
C ASN A 99 9.69 -12.43 15.15
N PRO A 100 10.74 -12.98 14.54
CA PRO A 100 11.90 -12.13 14.23
C PRO A 100 11.80 -11.24 12.99
N ILE A 101 10.80 -11.47 12.15
CA ILE A 101 10.64 -10.68 10.93
C ILE A 101 9.40 -9.81 10.91
N SER A 102 8.54 -9.93 11.91
CA SER A 102 7.23 -9.27 11.81
C SER A 102 6.81 -8.41 12.99
N ILE A 103 5.75 -7.65 12.79
CA ILE A 103 5.18 -6.84 13.85
C ILE A 103 3.89 -7.57 14.16
N GLY A 104 3.63 -7.80 15.43
CA GLY A 104 2.41 -8.49 15.79
C GLY A 104 1.38 -7.55 16.42
N ILE A 105 0.19 -7.46 15.82
CA ILE A 105 -0.84 -6.62 16.42
C ILE A 105 -2.03 -7.52 16.72
N SER A 106 -2.56 -7.38 17.91
CA SER A 106 -3.66 -8.21 18.36
C SER A 106 -4.89 -7.43 18.77
N PHE A 107 -6.04 -7.87 18.30
CA PHE A 107 -7.33 -7.25 18.65
C PHE A 107 -7.77 -7.93 19.94
N MET A 108 -8.05 -7.15 20.96
CA MET A 108 -8.47 -7.72 22.23
C MET A 108 -9.91 -8.19 22.22
N GLY A 109 -10.07 -9.51 22.09
CA GLY A 109 -11.39 -10.11 22.05
C GLY A 109 -11.32 -11.42 21.28
N ASN A 110 -12.46 -12.05 21.08
CA ASN A 110 -12.53 -13.31 20.35
C ASN A 110 -13.40 -13.05 19.12
N TYR A 111 -12.78 -13.02 17.95
CA TYR A 111 -13.51 -12.72 16.75
C TYR A 111 -14.21 -13.76 15.89
N MET A 112 -14.35 -14.98 16.44
CA MET A 112 -14.80 -16.15 15.68
C MET A 112 -16.24 -15.90 15.20
N ASN A 113 -17.06 -15.38 16.11
CA ASN A 113 -18.46 -15.04 15.79
C ASN A 113 -18.79 -13.54 15.83
N ARG A 114 -17.78 -12.70 16.04
CA ARG A 114 -18.00 -11.26 16.15
C ARG A 114 -16.99 -10.55 15.27
N VAL A 115 -17.36 -9.40 14.74
CA VAL A 115 -16.42 -8.63 13.98
C VAL A 115 -16.10 -7.51 14.94
N PRO A 116 -14.88 -6.97 14.86
CA PRO A 116 -14.61 -5.88 15.78
C PRO A 116 -15.18 -4.65 15.08
N PRO A 117 -15.57 -3.63 15.85
CA PRO A 117 -16.15 -2.39 15.28
C PRO A 117 -15.25 -1.62 14.34
N PRO A 118 -15.86 -0.77 13.47
CA PRO A 118 -15.09 0.03 12.52
C PRO A 118 -13.94 0.80 13.16
N ARG A 119 -14.19 1.44 14.31
CA ARG A 119 -13.14 2.20 14.97
C ARG A 119 -11.93 1.34 15.32
N ALA A 120 -12.15 0.07 15.64
CA ALA A 120 -11.03 -0.79 15.97
C ALA A 120 -10.26 -1.04 14.67
N LEU A 121 -10.98 -1.39 13.62
CA LEU A 121 -10.35 -1.66 12.33
C LEU A 121 -9.59 -0.42 11.88
N ARG A 122 -10.19 0.75 12.10
CA ARG A 122 -9.57 2.02 11.73
C ARG A 122 -8.28 2.26 12.51
N ALA A 123 -8.32 2.05 13.83
CA ALA A 123 -7.13 2.22 14.66
C ALA A 123 -5.99 1.36 14.13
N ALA A 124 -6.29 0.09 13.87
CA ALA A 124 -5.31 -0.86 13.37
C ALA A 124 -4.67 -0.43 12.05
N GLN A 125 -5.49 -0.08 11.07
CA GLN A 125 -4.96 0.31 9.78
C GLN A 125 -4.17 1.60 9.86
N ASN A 126 -4.63 2.53 10.69
CA ASN A 126 -3.95 3.80 10.87
C ASN A 126 -2.57 3.59 11.49
N LEU A 127 -2.49 2.68 12.44
CA LEU A 127 -1.25 2.35 13.11
C LEU A 127 -0.23 1.88 12.09
N LEU A 128 -0.67 1.03 11.16
CA LEU A 128 0.22 0.49 10.13
C LEU A 128 0.79 1.57 9.22
N ALA A 129 -0.05 2.54 8.82
CA ALA A 129 0.41 3.62 7.97
C ALA A 129 1.46 4.41 8.73
N CYS A 130 1.23 4.57 10.03
CA CYS A 130 2.13 5.30 10.89
C CYS A 130 3.48 4.60 10.94
N GLY A 131 3.45 3.26 11.00
CA GLY A 131 4.68 2.50 11.03
C GLY A 131 5.46 2.74 9.76
N VAL A 132 4.74 2.71 8.64
CA VAL A 132 5.35 2.95 7.35
C VAL A 132 6.00 4.33 7.38
N ALA A 133 5.20 5.34 7.72
CA ALA A 133 5.69 6.71 7.78
C ALA A 133 6.89 6.85 8.71
N LEU A 134 6.94 6.06 9.77
CA LEU A 134 8.05 6.12 10.73
C LEU A 134 9.30 5.40 10.25
N GLY A 135 9.14 4.51 9.28
CA GLY A 135 10.26 3.75 8.77
C GLY A 135 10.39 2.40 9.46
N ALA A 136 9.47 2.12 10.38
CA ALA A 136 9.47 0.86 11.13
C ALA A 136 8.96 -0.28 10.26
N LEU A 137 8.08 0.05 9.32
CA LEU A 137 7.52 -0.93 8.39
C LEU A 137 7.90 -0.54 6.97
N ARG A 138 8.03 -1.52 6.09
CA ARG A 138 8.34 -1.27 4.69
C ARG A 138 7.09 -0.66 4.04
N SER A 139 7.27 0.24 3.09
CA SER A 139 6.12 0.83 2.44
C SER A 139 5.32 -0.27 1.75
N ASN A 140 5.98 -1.38 1.44
CA ASN A 140 5.33 -2.49 0.75
C ASN A 140 4.78 -3.59 1.66
N TYR A 141 4.85 -3.37 2.97
CA TYR A 141 4.66 -4.42 3.97
C TYR A 141 3.51 -5.30 3.56
N GLU A 142 3.51 -6.52 4.09
CA GLU A 142 2.45 -7.46 3.80
C GLU A 142 1.77 -7.83 5.11
N VAL A 143 0.43 -7.89 5.10
CA VAL A 143 -0.31 -8.26 6.29
C VAL A 143 -0.70 -9.73 6.21
N LYS A 144 -0.56 -10.45 7.31
CA LYS A 144 -0.94 -11.84 7.32
C LYS A 144 -1.77 -12.13 8.54
N GLY A 145 -2.64 -13.12 8.43
CA GLY A 145 -3.44 -13.51 9.55
C GLY A 145 -2.55 -14.44 10.36
N HIS A 146 -2.83 -14.59 11.65
CA HIS A 146 -2.06 -15.48 12.49
C HIS A 146 -2.16 -16.91 11.94
N ARG A 147 -3.35 -17.27 11.47
CA ARG A 147 -3.60 -18.61 10.92
C ARG A 147 -2.87 -18.92 9.61
N ASP A 148 -2.31 -17.90 8.96
CA ASP A 148 -1.58 -18.12 7.70
C ASP A 148 -0.13 -18.53 7.99
N VAL A 149 0.36 -18.18 9.16
CA VAL A 149 1.75 -18.48 9.54
C VAL A 149 1.89 -19.46 10.68
N GLN A 150 0.78 -19.85 11.27
CA GLN A 150 0.79 -20.81 12.35
C GLN A 150 -0.53 -21.54 12.36
N PRO A 151 -0.55 -22.77 12.89
CA PRO A 151 -1.82 -23.50 12.90
C PRO A 151 -2.62 -22.92 14.06
N THR A 152 -3.63 -22.12 13.73
CA THR A 152 -4.45 -21.46 14.73
C THR A 152 -5.78 -20.99 14.14
N LEU A 153 -6.74 -20.70 15.00
CA LEU A 153 -7.98 -20.08 14.56
C LEU A 153 -7.80 -18.57 14.57
N SER A 154 -6.84 -18.10 15.36
CA SER A 154 -6.56 -16.67 15.44
C SER A 154 -6.27 -16.20 14.03
N PRO A 155 -6.71 -14.97 13.68
CA PRO A 155 -7.45 -13.97 14.47
C PRO A 155 -8.96 -14.14 14.60
N GLY A 156 -9.49 -15.31 14.26
CA GLY A 156 -10.92 -15.52 14.34
C GLY A 156 -11.54 -15.36 12.97
N ASP A 157 -12.43 -16.27 12.60
CA ASP A 157 -13.06 -16.26 11.28
C ASP A 157 -13.54 -14.89 10.75
N ARG A 158 -14.37 -14.21 11.53
CA ARG A 158 -14.92 -12.92 11.13
C ARG A 158 -13.83 -11.88 10.87
N LEU A 159 -12.85 -11.79 11.77
CA LEU A 159 -11.77 -10.82 11.60
C LEU A 159 -10.86 -11.23 10.45
N TYR A 160 -10.63 -12.53 10.30
CA TYR A 160 -9.78 -13.03 9.23
C TYR A 160 -10.37 -12.70 7.87
N GLU A 161 -11.70 -12.80 7.76
CA GLU A 161 -12.39 -12.49 6.51
C GLU A 161 -12.16 -11.02 6.14
N ILE A 162 -12.26 -10.16 7.15
CA ILE A 162 -12.08 -8.72 6.95
C ILE A 162 -10.68 -8.34 6.52
N ILE A 163 -9.68 -8.84 7.23
CA ILE A 163 -8.32 -8.49 6.86
C ILE A 163 -7.95 -9.04 5.49
N GLN A 164 -8.72 -9.98 4.97
CA GLN A 164 -8.41 -10.50 3.65
C GLN A 164 -8.68 -9.39 2.63
N THR A 165 -9.56 -8.46 2.98
CA THR A 165 -9.88 -7.35 2.10
C THR A 165 -8.91 -6.18 2.25
N TRP A 166 -7.94 -6.28 3.15
CA TRP A 166 -6.99 -5.20 3.32
C TRP A 166 -6.08 -5.13 2.10
N SER A 167 -5.81 -3.92 1.63
CA SER A 167 -5.00 -3.75 0.42
C SER A 167 -3.57 -4.29 0.50
N HIS A 168 -3.09 -4.58 1.71
CA HIS A 168 -1.73 -5.10 1.88
C HIS A 168 -1.76 -6.57 2.29
N TYR A 169 -2.94 -7.20 2.24
CA TYR A 169 -3.03 -8.60 2.61
C TYR A 169 -2.51 -9.57 1.55
N ARG A 170 -1.61 -10.46 1.96
CA ARG A 170 -1.03 -11.48 1.08
C ARG A 170 -1.15 -12.80 1.86
N ALA A 171 -1.96 -13.74 1.36
CA ALA A 171 -2.21 -15.04 2.01
C ALA A 171 -1.00 -15.76 2.57
N GLU B 1 -16.75 3.87 0.78
CA GLU B 1 -17.58 5.07 0.81
C GLU B 1 -16.92 6.16 1.65
N ASP B 2 -15.75 6.55 1.19
CA ASP B 2 -14.86 7.55 1.79
C ASP B 2 -13.96 7.14 2.95
N PRO B 3 -13.82 5.85 3.20
CA PRO B 3 -13.25 5.33 4.45
C PRO B 3 -11.75 5.40 4.72
N PRO B 4 -10.92 5.90 3.70
CA PRO B 4 -9.49 5.93 4.10
C PRO B 4 -9.24 6.75 5.36
N ALA B 5 -7.97 6.86 5.75
CA ALA B 5 -7.56 7.82 6.77
C ALA B 5 -8.20 7.64 8.13
N CYS B 6 -7.62 8.29 9.14
CA CYS B 6 -6.42 9.09 8.97
C CYS B 6 -5.83 9.31 10.34
N GLY B 7 -6.34 10.33 11.03
CA GLY B 7 -6.06 10.50 12.44
C GLY B 7 -7.03 9.65 13.24
N SER B 8 -7.62 8.67 12.55
CA SER B 8 -8.62 7.79 13.16
C SER B 8 -9.85 8.59 13.55
N ILE B 9 -10.57 9.12 12.56
CA ILE B 9 -11.73 9.93 12.85
C ILE B 9 -13.03 9.15 12.73
N VAL B 10 -13.94 9.35 13.69
CA VAL B 10 -15.24 8.69 13.66
C VAL B 10 -16.01 9.49 12.59
N PRO B 11 -16.37 8.85 11.47
CA PRO B 11 -17.10 9.55 10.42
C PRO B 11 -18.52 10.00 10.81
N ARG B 12 -18.99 11.05 10.13
CA ARG B 12 -20.32 11.60 10.35
C ARG B 12 -21.42 10.56 10.56
N ARG B 13 -21.52 9.63 9.63
CA ARG B 13 -22.54 8.59 9.68
C ARG B 13 -22.40 7.69 10.90
N GLU B 14 -21.17 7.45 11.34
CA GLU B 14 -20.97 6.59 12.50
C GLU B 14 -21.57 7.19 13.78
N TRP B 15 -21.64 8.50 13.90
CA TRP B 15 -22.24 9.04 15.12
C TRP B 15 -23.69 9.47 14.86
N ARG B 16 -24.26 8.90 13.80
CA ARG B 16 -25.67 9.15 13.43
C ARG B 16 -26.00 10.62 13.17
N ALA B 17 -25.11 11.32 12.47
CA ALA B 17 -25.26 12.74 12.24
C ALA B 17 -26.30 13.07 11.18
N LEU B 18 -26.98 14.19 11.37
CA LEU B 18 -27.95 14.66 10.40
C LEU B 18 -27.06 15.11 9.26
N ALA B 19 -27.56 14.99 8.04
CA ALA B 19 -26.77 15.39 6.89
C ALA B 19 -26.52 16.88 6.93
N SER B 20 -25.31 17.29 6.56
CA SER B 20 -24.98 18.71 6.53
C SER B 20 -25.67 19.35 5.33
N GLU B 21 -25.83 20.67 5.43
CA GLU B 21 -26.44 21.45 4.35
C GLU B 21 -25.50 22.63 4.08
N CYS B 22 -24.29 22.59 4.63
CA CYS B 22 -23.36 23.70 4.43
C CYS B 22 -22.71 23.58 3.07
N ARG B 23 -22.56 24.72 2.38
CA ARG B 23 -21.93 24.77 1.07
C ARG B 23 -20.64 25.60 1.00
N GLU B 24 -20.44 26.51 1.95
CA GLU B 24 -19.23 27.33 1.98
C GLU B 24 -17.97 26.49 2.21
N ARG B 25 -16.95 26.75 1.40
CA ARG B 25 -15.69 26.01 1.51
C ARG B 25 -14.56 26.85 2.10
N LEU B 26 -13.58 26.14 2.66
CA LEU B 26 -12.40 26.74 3.28
C LEU B 26 -11.27 26.69 2.26
N THR B 27 -10.48 27.76 2.18
CA THR B 27 -9.38 27.74 1.22
C THR B 27 -8.17 27.09 1.87
N ARG B 28 -7.87 25.84 1.53
CA ARG B 28 -6.69 25.20 2.08
C ARG B 28 -5.53 25.65 1.21
N PRO B 29 -4.31 25.70 1.75
CA PRO B 29 -3.90 25.38 3.12
C PRO B 29 -4.41 26.37 4.17
N VAL B 30 -4.98 25.86 5.26
CA VAL B 30 -5.50 26.72 6.32
C VAL B 30 -4.40 27.15 7.29
N ARG B 31 -4.54 28.37 7.78
CA ARG B 31 -3.56 29.00 8.67
C ARG B 31 -3.72 28.82 10.19
N TYR B 32 -4.95 29.04 10.67
CA TYR B 32 -5.24 28.97 12.10
C TYR B 32 -6.08 27.80 12.58
N VAL B 33 -5.86 27.41 13.83
CA VAL B 33 -6.64 26.36 14.45
C VAL B 33 -7.14 26.96 15.75
N VAL B 34 -8.45 26.98 15.93
CA VAL B 34 -9.00 27.53 17.16
C VAL B 34 -9.51 26.37 18.03
N VAL B 35 -9.19 26.41 19.32
CA VAL B 35 -9.60 25.38 20.25
C VAL B 35 -10.66 25.91 21.19
N SER B 36 -11.80 25.24 21.25
CA SER B 36 -12.90 25.63 22.12
C SER B 36 -13.31 24.41 22.92
N HIS B 37 -14.24 24.59 23.87
CA HIS B 37 -14.76 23.45 24.58
C HIS B 37 -16.25 23.63 24.32
N THR B 38 -17.01 22.55 24.33
CA THR B 38 -18.44 22.67 24.02
C THR B 38 -19.20 23.37 25.13
N ALA B 39 -18.72 23.24 26.35
CA ALA B 39 -19.39 23.82 27.51
C ALA B 39 -20.58 22.95 27.82
N GLY B 40 -20.61 21.77 27.21
CA GLY B 40 -21.72 20.87 27.35
C GLY B 40 -21.32 19.73 28.26
N SER B 41 -22.03 18.60 28.17
CA SER B 41 -21.71 17.46 29.01
C SER B 41 -20.49 16.77 28.40
N HIS B 42 -19.69 16.11 29.23
CA HIS B 42 -18.56 15.39 28.65
C HIS B 42 -18.94 13.92 28.62
N CYS B 43 -18.12 13.14 27.97
CA CYS B 43 -18.40 11.72 27.82
C CYS B 43 -17.04 11.04 27.76
N ASP B 44 -16.98 9.77 28.20
CA ASP B 44 -15.73 9.02 28.21
C ASP B 44 -15.68 7.71 27.41
N THR B 45 -16.76 7.36 26.71
CA THR B 45 -16.87 6.08 26.06
C THR B 45 -17.36 6.41 24.66
N PRO B 46 -17.07 5.56 23.67
CA PRO B 46 -17.52 5.82 22.30
C PRO B 46 -19.03 5.98 22.24
N ALA B 47 -19.74 5.09 22.93
CA ALA B 47 -21.19 5.15 22.92
C ALA B 47 -21.70 6.51 23.42
N SER B 48 -21.17 6.96 24.56
CA SER B 48 -21.61 8.23 25.15
C SER B 48 -21.14 9.47 24.38
N CYS B 49 -20.01 9.37 23.72
CA CYS B 49 -19.49 10.51 22.98
C CYS B 49 -20.15 10.67 21.61
N ALA B 50 -20.63 9.58 21.03
CA ALA B 50 -21.32 9.63 19.75
C ALA B 50 -22.64 10.33 20.04
N GLN B 51 -23.24 9.96 21.16
CA GLN B 51 -24.49 10.53 21.60
C GLN B 51 -24.34 12.02 21.89
N GLN B 52 -23.15 12.40 22.36
CA GLN B 52 -22.89 13.79 22.70
C GLN B 52 -22.63 14.68 21.48
N ALA B 53 -21.98 14.13 20.45
CA ALA B 53 -21.73 14.89 19.24
C ALA B 53 -23.09 15.15 18.60
N GLN B 54 -23.94 14.15 18.71
CA GLN B 54 -25.29 14.19 18.18
C GLN B 54 -26.06 15.34 18.85
N ASN B 55 -25.99 15.38 20.17
CA ASN B 55 -26.67 16.41 20.94
C ASN B 55 -26.19 17.79 20.55
N VAL B 56 -24.87 17.95 20.42
CA VAL B 56 -24.34 19.25 20.05
C VAL B 56 -24.85 19.66 18.69
N GLN B 57 -24.72 18.78 17.70
CA GLN B 57 -25.18 19.08 16.35
C GLN B 57 -26.66 19.42 16.35
N SER B 58 -27.45 18.57 16.98
CA SER B 58 -28.89 18.78 17.05
C SER B 58 -29.21 20.17 17.58
N TYR B 59 -28.47 20.61 18.59
CA TYR B 59 -28.71 21.93 19.15
C TYR B 59 -28.39 23.01 18.12
N HIS B 60 -27.28 22.83 17.42
CA HIS B 60 -26.87 23.80 16.42
C HIS B 60 -27.83 23.88 15.25
N VAL B 61 -28.15 22.70 14.69
CA VAL B 61 -29.11 22.52 13.58
C VAL B 61 -30.64 22.74 13.79
N ARG B 62 -31.21 22.18 14.85
CA ARG B 62 -32.60 22.39 15.22
C ARG B 62 -32.87 23.75 15.90
N ASN B 63 -32.03 24.11 16.87
CA ASN B 63 -32.25 25.35 17.60
C ASN B 63 -31.66 26.65 17.06
N LEU B 64 -30.41 26.63 16.61
CA LEU B 64 -29.80 27.85 16.09
C LEU B 64 -29.99 27.95 14.58
N GLY B 65 -30.51 26.88 13.99
CA GLY B 65 -30.76 26.88 12.56
C GLY B 65 -29.53 26.84 11.67
N TRP B 66 -28.42 26.35 12.20
CA TRP B 66 -27.20 26.27 11.40
C TRP B 66 -27.28 25.07 10.43
N CYS B 67 -26.49 25.14 9.37
CA CYS B 67 -26.47 24.10 8.36
C CYS B 67 -25.90 22.78 8.87
N ASP B 68 -25.01 22.88 9.86
CA ASP B 68 -24.34 21.72 10.43
C ASP B 68 -23.75 22.07 11.79
N VAL B 69 -23.40 21.06 12.59
CA VAL B 69 -22.71 21.34 13.84
C VAL B 69 -21.65 22.35 13.39
N GLY B 70 -21.39 23.36 14.21
CA GLY B 70 -20.43 24.38 13.80
C GLY B 70 -18.94 24.08 13.88
N TYR B 71 -18.56 23.03 14.60
CA TYR B 71 -17.14 22.69 14.71
C TYR B 71 -16.70 21.82 13.54
N ASN B 72 -15.47 21.99 13.11
CA ASN B 72 -14.96 21.17 12.03
C ASN B 72 -14.74 19.76 12.58
N PHE B 73 -14.27 19.70 13.83
CA PHE B 73 -14.02 18.43 14.51
C PHE B 73 -14.31 18.54 16.00
N LEU B 74 -14.80 17.45 16.57
CA LEU B 74 -15.08 17.41 18.00
C LEU B 74 -14.17 16.33 18.60
N ILE B 75 -13.67 16.59 19.82
CA ILE B 75 -12.76 15.67 20.52
C ILE B 75 -13.40 15.12 21.79
N GLY B 76 -13.57 13.81 21.86
CA GLY B 76 -14.19 13.21 23.03
C GLY B 76 -13.19 12.69 24.03
N GLU B 77 -13.61 12.58 25.26
CA GLU B 77 -12.74 12.19 26.35
C GLU B 77 -12.46 10.70 26.21
N ASP B 78 -13.07 10.07 25.20
CA ASP B 78 -12.88 8.66 24.92
C ASP B 78 -11.59 8.52 24.11
N GLY B 79 -11.01 9.66 23.75
CA GLY B 79 -9.78 9.66 22.97
C GLY B 79 -10.02 9.58 21.47
N LEU B 80 -11.28 9.76 21.05
CA LEU B 80 -11.62 9.72 19.65
C LEU B 80 -11.96 11.09 19.10
N VAL B 81 -11.68 11.30 17.82
CA VAL B 81 -12.02 12.55 17.18
C VAL B 81 -13.30 12.30 16.41
N TYR B 82 -14.24 13.24 16.50
CA TYR B 82 -15.52 13.12 15.81
C TYR B 82 -15.60 14.10 14.65
N GLU B 83 -15.96 13.59 13.49
CA GLU B 83 -16.04 14.43 12.31
C GLU B 83 -17.24 15.35 12.32
N GLY B 84 -16.95 16.65 12.16
CA GLY B 84 -17.99 17.65 12.10
C GLY B 84 -18.08 18.12 10.67
N ARG B 85 -17.81 19.40 10.44
CA ARG B 85 -17.85 19.91 9.09
C ARG B 85 -16.62 19.43 8.30
N GLY B 86 -15.55 19.06 9.02
CA GLY B 86 -14.37 18.55 8.35
C GLY B 86 -13.34 19.57 7.92
N TRP B 87 -12.43 19.12 7.05
CA TRP B 87 -11.34 19.92 6.54
C TRP B 87 -11.74 20.92 5.47
N ASN B 88 -12.69 20.53 4.64
CA ASN B 88 -13.12 21.34 3.51
C ASN B 88 -14.29 22.30 3.65
N ILE B 89 -14.99 22.27 4.78
CA ILE B 89 -16.14 23.16 4.95
C ILE B 89 -15.93 24.21 6.02
N LYS B 90 -16.27 25.45 5.70
CA LYS B 90 -16.13 26.53 6.66
C LYS B 90 -17.05 26.26 7.86
N GLY B 91 -16.52 26.43 9.07
CA GLY B 91 -17.32 26.19 10.25
C GLY B 91 -17.91 27.45 10.84
N ALA B 92 -18.55 27.28 11.98
CA ALA B 92 -19.16 28.34 12.72
C ALA B 92 -18.84 28.27 14.19
N HIS B 93 -17.63 28.64 14.57
CA HIS B 93 -17.18 28.43 15.92
C HIS B 93 -16.50 29.58 16.60
N ALA B 94 -15.91 30.48 15.83
CA ALA B 94 -15.08 31.56 16.36
C ALA B 94 -15.43 32.96 15.89
N GLY B 95 -16.51 33.12 15.13
CA GLY B 95 -16.88 34.43 14.64
C GLY B 95 -16.60 34.56 13.14
N PRO B 96 -17.12 35.61 12.47
CA PRO B 96 -16.91 35.81 11.04
C PRO B 96 -15.49 36.24 10.68
N THR B 97 -14.75 36.72 11.67
CA THR B 97 -13.37 37.11 11.43
C THR B 97 -12.60 35.81 11.28
N TRP B 98 -12.75 34.95 12.28
CA TRP B 98 -12.04 33.69 12.36
C TRP B 98 -12.57 32.41 11.71
N ASN B 99 -13.86 32.34 11.41
CA ASN B 99 -14.39 31.10 10.80
C ASN B 99 -13.90 30.76 9.39
N PRO B 100 -13.57 31.79 8.59
CA PRO B 100 -13.11 31.49 7.22
C PRO B 100 -11.59 31.30 7.05
N ILE B 101 -10.83 31.56 8.11
CA ILE B 101 -9.39 31.44 8.05
C ILE B 101 -8.83 30.40 9.03
N SER B 102 -9.70 29.57 9.60
CA SER B 102 -9.27 28.62 10.62
C SER B 102 -10.08 27.34 10.66
N ILE B 103 -9.51 26.34 11.31
CA ILE B 103 -10.18 25.05 11.50
C ILE B 103 -10.51 25.10 12.99
N GLY B 104 -11.76 24.84 13.34
CA GLY B 104 -12.15 24.87 14.74
C GLY B 104 -12.34 23.49 15.32
N ILE B 105 -11.62 23.18 16.40
CA ILE B 105 -11.78 21.89 17.03
C ILE B 105 -12.33 22.10 18.43
N SER B 106 -13.31 21.29 18.83
CA SER B 106 -13.91 21.45 20.13
C SER B 106 -13.89 20.23 21.05
N PHE B 107 -13.33 20.44 22.23
CA PHE B 107 -13.28 19.40 23.25
C PHE B 107 -14.67 19.37 23.88
N MET B 108 -15.29 18.18 23.89
CA MET B 108 -16.62 18.02 24.43
C MET B 108 -16.68 17.95 25.95
N GLY B 109 -17.15 19.04 26.55
CA GLY B 109 -17.26 19.11 28.00
C GLY B 109 -16.98 20.51 28.46
N ASN B 110 -16.80 20.68 29.76
CA ASN B 110 -16.50 21.99 30.33
C ASN B 110 -15.19 21.88 31.07
N TYR B 111 -14.16 22.53 30.54
CA TYR B 111 -12.84 22.45 31.13
C TYR B 111 -12.37 23.58 32.03
N MET B 112 -13.31 24.29 32.66
CA MET B 112 -12.95 25.44 33.49
C MET B 112 -12.16 24.93 34.68
N ASN B 113 -12.76 24.02 35.44
CA ASN B 113 -12.11 23.45 36.62
C ASN B 113 -11.82 21.98 36.36
N ARG B 114 -11.72 21.62 35.08
CA ARG B 114 -11.45 20.22 34.70
C ARG B 114 -10.43 20.14 33.56
N VAL B 115 -9.80 18.99 33.42
CA VAL B 115 -8.82 18.85 32.35
C VAL B 115 -9.17 17.64 31.45
N PRO B 116 -8.90 17.76 30.14
CA PRO B 116 -9.20 16.63 29.24
C PRO B 116 -8.12 15.59 29.45
N PRO B 117 -8.48 14.31 29.49
CA PRO B 117 -7.46 13.27 29.69
C PRO B 117 -6.41 13.26 28.57
N PRO B 118 -5.21 12.72 28.85
CA PRO B 118 -4.13 12.63 27.87
C PRO B 118 -4.59 12.12 26.50
N ARG B 119 -5.39 11.07 26.48
CA ARG B 119 -5.84 10.50 25.21
C ARG B 119 -6.65 11.49 24.41
N ALA B 120 -7.35 12.38 25.08
CA ALA B 120 -8.13 13.38 24.36
C ALA B 120 -7.15 14.37 23.76
N LEU B 121 -6.15 14.76 24.54
CA LEU B 121 -5.16 15.70 24.05
C LEU B 121 -4.35 15.05 22.92
N ARG B 122 -4.09 13.73 23.01
CA ARG B 122 -3.35 13.03 21.97
C ARG B 122 -4.11 13.04 20.64
N ALA B 123 -5.39 12.66 20.67
CA ALA B 123 -6.21 12.66 19.48
C ALA B 123 -6.17 14.04 18.83
N ALA B 124 -6.21 15.08 19.66
CA ALA B 124 -6.19 16.47 19.16
C ALA B 124 -4.97 16.82 18.32
N GLN B 125 -3.78 16.59 18.88
CA GLN B 125 -2.56 16.90 18.15
C GLN B 125 -2.39 15.97 16.95
N ASN B 126 -2.73 14.70 17.14
CA ASN B 126 -2.65 13.72 16.06
C ASN B 126 -3.57 14.22 14.94
N LEU B 127 -4.72 14.78 15.32
CA LEU B 127 -5.65 15.30 14.34
C LEU B 127 -4.97 16.42 13.58
N LEU B 128 -4.31 17.30 14.33
CA LEU B 128 -3.64 18.43 13.72
C LEU B 128 -2.54 18.03 12.73
N ALA B 129 -1.79 16.98 13.03
CA ALA B 129 -0.72 16.55 12.13
C ALA B 129 -1.27 15.95 10.86
N CYS B 130 -2.37 15.23 10.97
CA CYS B 130 -3.00 14.59 9.85
C CYS B 130 -3.61 15.63 8.95
N GLY B 131 -3.78 16.80 9.46
CA GLY B 131 -4.37 17.86 8.65
C GLY B 131 -3.33 18.40 7.69
N VAL B 132 -2.10 18.46 8.20
CA VAL B 132 -0.96 18.92 7.44
C VAL B 132 -0.72 17.90 6.32
N ALA B 133 -0.69 16.64 6.72
CA ALA B 133 -0.48 15.57 5.77
C ALA B 133 -1.38 15.70 4.55
N LEU B 134 -2.53 16.35 4.72
CA LEU B 134 -3.50 16.50 3.63
C LEU B 134 -3.43 17.82 2.89
N GLY B 135 -2.80 18.82 3.49
CA GLY B 135 -2.74 20.12 2.84
C GLY B 135 -3.84 21.03 3.37
N ALA B 136 -4.73 20.46 4.18
CA ALA B 136 -5.83 21.21 4.80
C ALA B 136 -5.27 22.23 5.78
N LEU B 137 -4.21 21.84 6.49
CA LEU B 137 -3.55 22.72 7.44
C LEU B 137 -2.16 23.07 6.91
N ARG B 138 -1.72 24.30 7.11
CA ARG B 138 -0.39 24.69 6.64
C ARG B 138 0.62 24.41 7.75
N SER B 139 1.77 23.85 7.40
CA SER B 139 2.68 23.29 8.36
C SER B 139 3.00 24.33 9.41
N ASN B 140 2.99 25.56 9.01
CA ASN B 140 3.27 26.68 9.92
C ASN B 140 2.13 26.97 10.90
N TYR B 141 1.07 26.18 10.88
CA TYR B 141 -0.19 26.55 11.49
C TYR B 141 -0.11 26.96 12.94
N GLU B 142 -0.87 27.98 13.31
CA GLU B 142 -0.88 28.51 14.66
C GLU B 142 -2.13 28.03 15.37
N VAL B 143 -2.00 27.82 16.67
CA VAL B 143 -3.08 27.34 17.51
C VAL B 143 -3.56 28.45 18.44
N LYS B 144 -4.87 28.69 18.46
CA LYS B 144 -5.46 29.74 19.28
C LYS B 144 -6.55 29.21 20.19
N GLY B 145 -6.62 29.75 21.39
CA GLY B 145 -7.68 29.35 22.28
C GLY B 145 -8.87 30.15 21.79
N HIS B 146 -10.07 29.63 21.98
CA HIS B 146 -11.31 30.30 21.57
C HIS B 146 -11.29 31.71 22.19
N ARG B 147 -10.89 31.77 23.45
CA ARG B 147 -10.86 33.03 24.20
C ARG B 147 -9.80 34.05 23.73
N ASP B 148 -8.89 33.61 22.86
CA ASP B 148 -7.85 34.52 22.36
C ASP B 148 -8.39 35.31 21.19
N VAL B 149 -9.43 34.79 20.55
CA VAL B 149 -10.06 35.45 19.40
C VAL B 149 -11.49 35.91 19.63
N GLN B 150 -12.03 35.66 20.82
CA GLN B 150 -13.39 36.11 21.12
C GLN B 150 -13.55 36.32 22.61
N PRO B 151 -14.54 37.12 23.00
CA PRO B 151 -14.81 37.24 24.43
C PRO B 151 -15.60 36.01 24.85
N THR B 152 -14.90 35.02 25.40
CA THR B 152 -15.54 33.82 25.92
C THR B 152 -14.60 33.08 26.86
N LEU B 153 -15.12 32.40 27.87
CA LEU B 153 -14.31 31.61 28.80
C LEU B 153 -13.81 30.33 28.13
N SER B 154 -14.45 29.94 27.04
CA SER B 154 -14.06 28.76 26.29
C SER B 154 -12.58 28.92 25.93
N PRO B 155 -11.81 27.82 25.95
CA PRO B 155 -12.13 26.43 26.28
C PRO B 155 -12.00 26.04 27.75
N GLY B 156 -12.14 27.00 28.65
CA GLY B 156 -11.99 26.70 30.07
C GLY B 156 -10.58 27.02 30.53
N ASP B 157 -10.45 27.55 31.74
CA ASP B 157 -9.13 27.90 32.27
C ASP B 157 -8.14 26.76 32.11
N ARG B 158 -8.50 25.62 32.69
CA ARG B 158 -7.69 24.41 32.67
C ARG B 158 -7.19 23.98 31.29
N LEU B 159 -8.12 23.78 30.35
CA LEU B 159 -7.74 23.37 29.01
C LEU B 159 -6.96 24.47 28.31
N TYR B 160 -7.24 25.71 28.70
CA TYR B 160 -6.56 26.85 28.11
C TYR B 160 -5.09 26.96 28.54
N GLU B 161 -4.78 26.66 29.80
CA GLU B 161 -3.37 26.75 30.18
C GLU B 161 -2.55 25.71 29.41
N ILE B 162 -3.13 24.52 29.23
CA ILE B 162 -2.48 23.44 28.48
C ILE B 162 -2.16 23.76 27.02
N ILE B 163 -3.14 24.25 26.27
CA ILE B 163 -2.88 24.54 24.85
C ILE B 163 -1.82 25.61 24.66
N GLN B 164 -1.48 26.31 25.74
CA GLN B 164 -0.46 27.34 25.65
C GLN B 164 0.89 26.65 25.65
N THR B 165 0.96 25.47 26.26
CA THR B 165 2.21 24.73 26.31
C THR B 165 2.44 23.93 25.04
N TRP B 166 1.51 24.03 24.09
CA TRP B 166 1.64 23.33 22.82
C TRP B 166 2.65 24.07 21.94
N SER B 167 3.37 23.32 21.11
CA SER B 167 4.40 23.87 20.24
C SER B 167 3.95 24.90 19.19
N HIS B 168 2.71 24.77 18.71
CA HIS B 168 2.26 25.71 17.69
C HIS B 168 1.36 26.80 18.25
N TYR B 169 1.19 26.84 19.56
CA TYR B 169 0.35 27.86 20.15
C TYR B 169 0.94 29.26 20.05
N ARG B 170 0.12 30.21 19.62
CA ARG B 170 0.53 31.60 19.53
C ARG B 170 -0.54 32.30 20.36
N ALA B 171 -0.14 33.25 21.20
CA ALA B 171 -1.11 33.96 22.02
C ALA B 171 -1.92 34.91 21.14
N GLU C 1 12.39 -44.07 -4.01
CA GLU C 1 13.31 -43.30 -3.11
C GLU C 1 14.81 -43.65 -3.31
N ASP C 2 15.29 -43.14 -4.43
CA ASP C 2 16.68 -42.95 -4.73
C ASP C 2 16.74 -41.57 -5.36
N PRO C 3 17.53 -40.71 -4.76
CA PRO C 3 17.87 -39.39 -5.33
C PRO C 3 19.28 -39.15 -5.87
N PRO C 4 19.40 -38.36 -6.96
CA PRO C 4 20.68 -38.04 -7.61
C PRO C 4 21.22 -36.67 -7.14
N ALA C 5 22.52 -36.50 -7.35
CA ALA C 5 23.20 -35.22 -7.20
C ALA C 5 23.22 -34.50 -8.54
N CYS C 6 22.05 -34.04 -8.99
CA CYS C 6 21.96 -33.33 -10.25
C CYS C 6 22.27 -31.86 -10.14
N GLY C 7 22.57 -31.41 -8.92
CA GLY C 7 22.85 -30.02 -8.72
C GLY C 7 24.23 -29.52 -9.08
N SER C 8 24.37 -28.91 -10.24
CA SER C 8 25.64 -28.33 -10.68
C SER C 8 25.63 -26.87 -10.23
N ILE C 9 24.58 -26.59 -9.46
CA ILE C 9 24.07 -25.29 -9.15
C ILE C 9 24.97 -24.50 -8.20
N VAL C 10 25.17 -23.22 -8.49
CA VAL C 10 25.98 -22.36 -7.65
C VAL C 10 25.07 -21.86 -6.54
N PRO C 11 25.40 -22.18 -5.28
CA PRO C 11 24.61 -21.78 -4.11
C PRO C 11 24.61 -20.27 -3.90
N ARG C 12 23.54 -19.76 -3.28
CA ARG C 12 23.42 -18.33 -3.01
C ARG C 12 24.65 -17.74 -2.33
N ARG C 13 25.14 -18.43 -1.31
CA ARG C 13 26.30 -17.96 -0.58
C ARG C 13 27.48 -17.79 -1.51
N GLU C 14 27.64 -18.72 -2.44
CA GLU C 14 28.75 -18.64 -3.37
C GLU C 14 28.69 -17.44 -4.31
N TRP C 15 27.50 -17.00 -4.69
CA TRP C 15 27.51 -15.82 -5.53
C TRP C 15 27.28 -14.59 -4.65
N ARG C 16 27.37 -14.81 -3.34
CA ARG C 16 27.18 -13.78 -2.30
C ARG C 16 25.83 -13.06 -2.24
N ALA C 17 24.74 -13.82 -2.35
CA ALA C 17 23.41 -13.26 -2.37
C ALA C 17 23.08 -12.61 -1.05
N LEU C 18 22.33 -11.53 -1.12
CA LEU C 18 21.90 -10.88 0.11
C LEU C 18 20.92 -11.92 0.63
N ALA C 19 20.64 -11.91 1.91
CA ALA C 19 19.71 -12.89 2.47
C ALA C 19 18.28 -12.64 2.00
N SER C 20 17.54 -13.73 1.78
CA SER C 20 16.18 -13.65 1.32
C SER C 20 15.20 -13.44 2.46
N GLU C 21 14.13 -12.70 2.18
CA GLU C 21 13.11 -12.45 3.18
C GLU C 21 11.82 -13.18 2.79
N CYS C 22 11.89 -13.93 1.69
CA CYS C 22 10.75 -14.64 1.15
C CYS C 22 10.29 -15.84 1.98
N ARG C 23 8.98 -15.93 2.20
CA ARG C 23 8.37 -17.03 2.96
C ARG C 23 7.33 -17.93 2.23
N GLU C 24 6.70 -17.45 1.17
CA GLU C 24 5.63 -18.20 0.51
C GLU C 24 6.23 -19.43 -0.20
N ARG C 25 5.62 -20.59 0.01
CA ARG C 25 6.12 -21.82 -0.60
C ARG C 25 5.38 -22.31 -1.83
N LEU C 26 6.12 -23.02 -2.67
CA LEU C 26 5.59 -23.64 -3.88
C LEU C 26 5.26 -25.06 -3.42
N THR C 27 4.21 -25.67 -3.97
CA THR C 27 3.92 -27.02 -3.55
C THR C 27 4.50 -27.90 -4.65
N ARG C 28 5.24 -28.94 -4.28
CA ARG C 28 5.79 -29.81 -5.29
C ARG C 28 4.91 -31.05 -5.38
N PRO C 29 4.86 -31.69 -6.56
CA PRO C 29 5.58 -31.33 -7.77
C PRO C 29 4.93 -30.20 -8.55
N VAL C 30 5.76 -29.27 -9.01
CA VAL C 30 5.33 -28.11 -9.79
C VAL C 30 5.13 -28.47 -11.25
N ARG C 31 4.03 -27.98 -11.83
CA ARG C 31 3.68 -28.28 -13.20
C ARG C 31 4.28 -27.40 -14.30
N TYR C 32 4.57 -26.14 -14.01
CA TYR C 32 5.10 -25.25 -15.05
C TYR C 32 6.45 -24.61 -14.79
N VAL C 33 7.11 -24.28 -15.91
CA VAL C 33 8.40 -23.60 -15.88
C VAL C 33 8.22 -22.41 -16.83
N VAL C 34 8.60 -21.20 -16.38
CA VAL C 34 8.49 -20.02 -17.22
C VAL C 34 9.87 -19.45 -17.46
N VAL C 35 10.24 -19.41 -18.74
CA VAL C 35 11.53 -18.92 -19.15
C VAL C 35 11.50 -17.47 -19.55
N SER C 36 12.43 -16.70 -19.00
CA SER C 36 12.55 -15.27 -19.25
C SER C 36 14.02 -14.96 -19.41
N HIS C 37 14.31 -13.69 -19.69
CA HIS C 37 15.67 -13.25 -19.75
C HIS C 37 15.64 -11.99 -18.90
N THR C 38 16.80 -11.54 -18.46
CA THR C 38 16.88 -10.36 -17.61
C THR C 38 16.91 -9.10 -18.47
N ALA C 39 17.07 -9.26 -19.77
CA ALA C 39 16.98 -8.12 -20.64
C ALA C 39 18.14 -7.25 -20.23
N GLY C 40 19.02 -7.82 -19.41
CA GLY C 40 20.24 -7.12 -19.04
C GLY C 40 21.53 -7.40 -19.77
N SER C 41 22.63 -7.21 -19.04
CA SER C 41 23.94 -7.43 -19.60
C SER C 41 24.31 -8.88 -19.37
N HIS C 42 24.91 -9.51 -20.36
CA HIS C 42 25.27 -10.90 -20.16
C HIS C 42 26.61 -11.06 -19.45
N CYS C 43 26.94 -12.31 -19.12
CA CYS C 43 28.19 -12.60 -18.44
C CYS C 43 28.60 -14.02 -18.82
N ASP C 44 29.90 -14.22 -19.06
CA ASP C 44 30.42 -15.53 -19.48
C ASP C 44 31.41 -16.28 -18.56
N THR C 45 31.59 -15.82 -17.32
CA THR C 45 32.65 -16.35 -16.46
C THR C 45 32.05 -16.48 -15.07
N PRO C 46 32.51 -17.47 -14.29
CA PRO C 46 31.96 -17.62 -12.94
C PRO C 46 32.07 -16.32 -12.15
N ALA C 47 33.14 -15.57 -12.37
CA ALA C 47 33.32 -14.31 -11.66
C ALA C 47 32.40 -13.19 -12.14
N SER C 48 32.26 -13.03 -13.45
CA SER C 48 31.40 -11.95 -13.95
C SER C 48 29.96 -12.28 -13.71
N CYS C 49 29.62 -13.57 -13.81
CA CYS C 49 28.24 -14.00 -13.60
C CYS C 49 27.78 -13.93 -12.15
N ALA C 50 28.68 -14.20 -11.21
CA ALA C 50 28.29 -14.10 -9.80
C ALA C 50 27.92 -12.64 -9.55
N GLN C 51 28.70 -11.76 -10.17
CA GLN C 51 28.49 -10.32 -10.04
C GLN C 51 27.12 -9.95 -10.62
N GLN C 52 26.85 -10.43 -11.81
CA GLN C 52 25.57 -10.16 -12.48
C GLN C 52 24.41 -10.63 -11.60
N ALA C 53 24.47 -11.85 -11.09
CA ALA C 53 23.41 -12.35 -10.23
C ALA C 53 23.22 -11.41 -9.03
N GLN C 54 24.32 -10.82 -8.56
CA GLN C 54 24.24 -9.89 -7.45
C GLN C 54 23.44 -8.64 -7.85
N ASN C 55 23.76 -8.08 -9.01
CA ASN C 55 23.08 -6.91 -9.52
C ASN C 55 21.59 -7.17 -9.77
N VAL C 56 21.27 -8.27 -10.43
CA VAL C 56 19.88 -8.59 -10.70
C VAL C 56 19.14 -8.67 -9.37
N GLN C 57 19.79 -9.25 -8.36
CA GLN C 57 19.16 -9.36 -7.04
C GLN C 57 19.08 -7.98 -6.38
N SER C 58 20.13 -7.18 -6.54
CA SER C 58 20.18 -5.83 -5.98
C SER C 58 19.01 -5.02 -6.53
N TYR C 59 18.78 -5.12 -7.84
CA TYR C 59 17.69 -4.41 -8.48
C TYR C 59 16.35 -4.78 -7.85
N HIS C 60 16.08 -6.08 -7.76
CA HIS C 60 14.83 -6.56 -7.19
C HIS C 60 14.66 -6.30 -5.69
N VAL C 61 15.75 -6.34 -4.97
CA VAL C 61 15.70 -6.15 -3.53
C VAL C 61 15.82 -4.72 -3.07
N ARG C 62 16.82 -4.01 -3.56
CA ARG C 62 17.02 -2.61 -3.19
C ARG C 62 16.11 -1.61 -3.88
N ASN C 63 15.99 -1.70 -5.20
CA ASN C 63 15.16 -0.78 -5.96
C ASN C 63 13.68 -1.07 -5.80
N LEU C 64 13.29 -2.30 -6.10
CA LEU C 64 11.89 -2.73 -6.04
C LEU C 64 11.35 -3.16 -4.68
N GLY C 65 12.23 -3.28 -3.69
CA GLY C 65 11.81 -3.66 -2.35
C GLY C 65 11.32 -5.08 -2.13
N TRP C 66 11.62 -5.97 -3.08
CA TRP C 66 11.20 -7.37 -2.99
C TRP C 66 11.97 -8.17 -1.93
N CYS C 67 11.39 -9.29 -1.51
CA CYS C 67 12.00 -10.16 -0.50
C CYS C 67 13.26 -10.87 -0.99
N ASP C 68 13.41 -10.98 -2.30
CA ASP C 68 14.58 -11.61 -2.88
C ASP C 68 14.52 -11.47 -4.38
N VAL C 69 15.59 -11.83 -5.07
CA VAL C 69 15.59 -11.75 -6.53
C VAL C 69 14.34 -12.55 -6.89
N GLY C 70 13.61 -12.12 -7.92
CA GLY C 70 12.36 -12.78 -8.27
C GLY C 70 12.37 -14.16 -8.91
N TYR C 71 13.47 -14.54 -9.56
CA TYR C 71 13.55 -15.84 -10.22
C TYR C 71 13.95 -16.97 -9.29
N ASN C 72 13.54 -18.18 -9.64
CA ASN C 72 13.89 -19.35 -8.84
C ASN C 72 15.34 -19.74 -9.17
N PHE C 73 15.74 -19.53 -10.42
CA PHE C 73 17.11 -19.81 -10.86
C PHE C 73 17.44 -18.88 -12.03
N LEU C 74 18.71 -18.52 -12.11
CA LEU C 74 19.21 -17.67 -13.17
C LEU C 74 20.18 -18.53 -13.94
N ILE C 75 20.28 -18.34 -15.24
CA ILE C 75 21.19 -19.14 -16.07
C ILE C 75 22.29 -18.23 -16.66
N GLY C 76 23.54 -18.55 -16.39
CA GLY C 76 24.64 -17.77 -16.89
C GLY C 76 25.18 -18.24 -18.24
N GLU C 77 25.85 -17.37 -18.93
CA GLU C 77 26.48 -17.71 -20.18
C GLU C 77 27.76 -18.45 -19.90
N ASP C 78 28.10 -18.58 -18.62
CA ASP C 78 29.29 -19.27 -18.18
C ASP C 78 28.93 -20.74 -18.10
N GLY C 79 27.67 -21.03 -18.39
CA GLY C 79 27.18 -22.39 -18.37
C GLY C 79 26.77 -22.90 -17.00
N LEU C 80 26.77 -22.01 -16.00
CA LEU C 80 26.38 -22.38 -14.65
C LEU C 80 24.99 -21.87 -14.29
N VAL C 81 24.35 -22.55 -13.34
CA VAL C 81 23.03 -22.19 -12.86
C VAL C 81 23.19 -21.53 -11.50
N TYR C 82 22.61 -20.35 -11.35
CA TYR C 82 22.69 -19.63 -10.09
C TYR C 82 21.39 -19.77 -9.33
N GLU C 83 21.51 -20.19 -8.08
CA GLU C 83 20.36 -20.38 -7.23
C GLU C 83 19.69 -19.03 -6.92
N GLY C 84 18.39 -18.98 -7.13
CA GLY C 84 17.62 -17.79 -6.83
C GLY C 84 16.80 -18.14 -5.61
N ARG C 85 15.49 -18.31 -5.78
CA ARG C 85 14.64 -18.66 -4.66
C ARG C 85 14.54 -20.18 -4.52
N GLY C 86 15.05 -20.90 -5.52
CA GLY C 86 15.04 -22.35 -5.48
C GLY C 86 13.76 -23.06 -5.89
N TRP C 87 13.68 -24.33 -5.52
CA TRP C 87 12.58 -25.23 -5.83
C TRP C 87 11.38 -25.10 -4.94
N ASN C 88 11.59 -24.61 -3.73
CA ASN C 88 10.51 -24.53 -2.74
C ASN C 88 9.85 -23.18 -2.45
N ILE C 89 10.48 -22.09 -2.89
CA ILE C 89 9.91 -20.78 -2.65
C ILE C 89 9.28 -20.15 -3.89
N LYS C 90 8.04 -19.71 -3.75
CA LYS C 90 7.31 -19.08 -4.84
C LYS C 90 8.11 -17.87 -5.34
N GLY C 91 8.28 -17.80 -6.65
CA GLY C 91 9.01 -16.68 -7.23
C GLY C 91 8.09 -15.51 -7.54
N ALA C 92 8.66 -14.45 -8.08
CA ALA C 92 7.94 -13.22 -8.47
C ALA C 92 8.23 -12.74 -9.87
N HIS C 93 8.06 -13.64 -10.83
CA HIS C 93 8.56 -13.54 -12.18
C HIS C 93 7.49 -13.37 -13.28
N ALA C 94 6.34 -13.97 -13.09
CA ALA C 94 5.36 -14.09 -14.15
C ALA C 94 3.93 -13.72 -13.74
N GLY C 95 3.79 -12.92 -12.70
CA GLY C 95 2.46 -12.52 -12.28
C GLY C 95 1.84 -13.46 -11.25
N PRO C 96 0.74 -13.03 -10.60
CA PRO C 96 0.00 -13.77 -9.57
C PRO C 96 -0.70 -15.07 -9.99
N THR C 97 -0.96 -15.23 -11.27
CA THR C 97 -1.60 -16.46 -11.74
C THR C 97 -0.54 -17.56 -11.92
N TRP C 98 0.56 -17.22 -12.56
CA TRP C 98 1.60 -18.20 -12.80
C TRP C 98 2.67 -18.40 -11.72
N ASN C 99 3.02 -17.37 -10.98
CA ASN C 99 4.01 -17.45 -9.92
C ASN C 99 3.80 -18.63 -9.00
N PRO C 100 2.60 -18.82 -8.50
CA PRO C 100 2.30 -19.92 -7.59
C PRO C 100 2.25 -21.35 -8.13
N ILE C 101 2.21 -21.47 -9.46
CA ILE C 101 2.18 -22.78 -10.12
C ILE C 101 3.40 -23.12 -10.95
N SER C 102 4.44 -22.28 -10.91
CA SER C 102 5.60 -22.47 -11.78
C SER C 102 6.94 -22.17 -11.12
N ILE C 103 8.00 -22.54 -11.83
CA ILE C 103 9.37 -22.26 -11.44
C ILE C 103 9.79 -21.27 -12.52
N GLY C 104 10.40 -20.16 -12.13
CA GLY C 104 10.82 -19.20 -13.13
C GLY C 104 12.32 -19.20 -13.31
N ILE C 105 12.78 -19.56 -14.52
CA ILE C 105 14.21 -19.52 -14.78
C ILE C 105 14.45 -18.41 -15.78
N SER C 106 15.49 -17.61 -15.54
CA SER C 106 15.82 -16.48 -16.37
C SER C 106 17.26 -16.53 -16.84
N PHE C 107 17.47 -16.39 -18.14
CA PHE C 107 18.82 -16.38 -18.69
C PHE C 107 19.34 -14.97 -18.55
N MET C 108 20.52 -14.84 -17.97
CA MET C 108 21.10 -13.53 -17.76
C MET C 108 21.68 -12.90 -19.02
N GLY C 109 20.93 -11.94 -19.55
CA GLY C 109 21.34 -11.24 -20.76
C GLY C 109 20.12 -10.82 -21.56
N ASN C 110 20.33 -10.17 -22.70
CA ASN C 110 19.22 -9.78 -23.55
C ASN C 110 19.33 -10.60 -24.82
N TYR C 111 18.32 -11.41 -25.06
CA TYR C 111 18.30 -12.32 -26.20
C TYR C 111 17.47 -11.92 -27.39
N MET C 112 17.19 -10.64 -27.50
CA MET C 112 16.35 -10.17 -28.59
C MET C 112 17.16 -10.41 -29.87
N ASN C 113 18.46 -10.08 -29.85
CA ASN C 113 19.35 -10.26 -31.01
C ASN C 113 20.49 -11.31 -30.95
N ARG C 114 20.45 -12.20 -29.96
CA ARG C 114 21.56 -13.09 -29.61
C ARG C 114 20.86 -14.34 -29.12
N VAL C 115 21.48 -15.50 -29.29
CA VAL C 115 20.91 -16.71 -28.74
C VAL C 115 21.85 -16.95 -27.58
N PRO C 116 21.44 -17.77 -26.60
CA PRO C 116 22.39 -17.99 -25.51
C PRO C 116 23.32 -19.09 -26.02
N PRO C 117 24.58 -19.11 -25.59
CA PRO C 117 25.50 -20.15 -26.05
C PRO C 117 25.01 -21.55 -25.64
N PRO C 118 25.44 -22.60 -26.37
CA PRO C 118 25.04 -23.97 -26.08
C PRO C 118 25.15 -24.41 -24.63
N ARG C 119 26.21 -23.99 -23.96
CA ARG C 119 26.39 -24.39 -22.57
C ARG C 119 25.34 -23.77 -21.66
N ALA C 120 24.84 -22.60 -22.01
CA ALA C 120 23.81 -21.93 -21.21
C ALA C 120 22.53 -22.75 -21.38
N LEU C 121 22.30 -23.18 -22.61
CA LEU C 121 21.14 -23.97 -22.93
C LEU C 121 21.21 -25.35 -22.27
N ARG C 122 22.42 -25.93 -22.23
CA ARG C 122 22.61 -27.23 -21.59
C ARG C 122 22.28 -27.14 -20.10
N ALA C 123 22.79 -26.10 -19.46
CA ALA C 123 22.56 -25.87 -18.04
C ALA C 123 21.07 -25.89 -17.74
N ALA C 124 20.33 -25.02 -18.43
CA ALA C 124 18.90 -24.90 -18.24
C ALA C 124 18.18 -26.25 -18.36
N GLN C 125 18.46 -27.00 -19.42
CA GLN C 125 17.84 -28.29 -19.66
C GLN C 125 18.21 -29.27 -18.56
N ASN C 126 19.47 -29.21 -18.12
CA ASN C 126 19.96 -30.08 -17.06
C ASN C 126 19.28 -29.70 -15.74
N LEU C 127 19.01 -28.42 -15.56
CA LEU C 127 18.34 -27.95 -14.36
C LEU C 127 16.96 -28.58 -14.30
N LEU C 128 16.28 -28.58 -15.45
CA LEU C 128 14.95 -29.15 -15.52
C LEU C 128 14.97 -30.65 -15.30
N ALA C 129 15.94 -31.34 -15.91
CA ALA C 129 16.04 -32.78 -15.70
C ALA C 129 16.24 -33.00 -14.20
N CYS C 130 17.04 -32.14 -13.59
CA CYS C 130 17.33 -32.19 -12.15
C CYS C 130 16.01 -32.11 -11.38
N GLY C 131 15.25 -31.06 -11.70
CA GLY C 131 13.99 -30.82 -11.05
C GLY C 131 13.07 -32.00 -11.02
N VAL C 132 13.00 -32.70 -12.16
CA VAL C 132 12.15 -33.89 -12.30
C VAL C 132 12.63 -35.03 -11.39
N ALA C 133 13.93 -35.30 -11.41
CA ALA C 133 14.50 -36.36 -10.60
C ALA C 133 14.32 -36.08 -9.11
N LEU C 134 14.36 -34.82 -8.74
CA LEU C 134 14.20 -34.43 -7.36
C LEU C 134 12.75 -34.49 -6.93
N GLY C 135 11.86 -34.49 -7.92
CA GLY C 135 10.44 -34.52 -7.65
C GLY C 135 9.88 -33.11 -7.50
N ALA C 136 10.71 -32.11 -7.80
CA ALA C 136 10.31 -30.72 -7.70
C ALA C 136 9.38 -30.31 -8.85
N LEU C 137 9.58 -30.94 -10.00
CA LEU C 137 8.80 -30.68 -11.19
C LEU C 137 8.07 -31.95 -11.58
N ARG C 138 6.85 -31.84 -12.10
CA ARG C 138 6.16 -33.03 -12.52
C ARG C 138 6.97 -33.49 -13.73
N SER C 139 7.02 -34.80 -13.97
CA SER C 139 7.78 -35.32 -15.09
C SER C 139 7.26 -34.82 -16.44
N ASN C 140 5.97 -34.50 -16.50
CA ASN C 140 5.36 -33.99 -17.73
C ASN C 140 5.09 -32.50 -17.57
N TYR C 141 6.10 -31.78 -17.11
CA TYR C 141 5.98 -30.35 -16.89
C TYR C 141 5.91 -29.61 -18.23
N GLU C 142 5.33 -28.41 -18.20
CA GLU C 142 5.20 -27.59 -19.39
C GLU C 142 6.02 -26.31 -19.33
N VAL C 143 6.70 -26.00 -20.42
CA VAL C 143 7.51 -24.81 -20.50
C VAL C 143 6.74 -23.70 -21.21
N LYS C 144 6.81 -22.50 -20.67
CA LYS C 144 6.15 -21.35 -21.26
C LYS C 144 7.21 -20.30 -21.39
N GLY C 145 7.06 -19.46 -22.40
CA GLY C 145 7.99 -18.35 -22.57
C GLY C 145 7.32 -17.23 -21.78
N HIS C 146 8.12 -16.35 -21.19
CA HIS C 146 7.57 -15.24 -20.42
C HIS C 146 6.47 -14.48 -21.20
N ARG C 147 6.77 -14.11 -22.43
CA ARG C 147 5.82 -13.36 -23.26
C ARG C 147 4.54 -14.14 -23.53
N ASP C 148 4.48 -15.39 -23.09
CA ASP C 148 3.29 -16.20 -23.30
C ASP C 148 2.32 -16.08 -22.13
N VAL C 149 2.79 -15.57 -21.00
CA VAL C 149 1.92 -15.47 -19.83
C VAL C 149 1.83 -14.06 -19.31
N GLN C 150 2.64 -13.18 -19.87
CA GLN C 150 2.69 -11.78 -19.48
C GLN C 150 3.13 -10.98 -20.69
N PRO C 151 2.73 -9.71 -20.75
CA PRO C 151 3.10 -8.85 -21.88
C PRO C 151 4.56 -8.40 -21.72
N THR C 152 5.44 -8.98 -22.55
CA THR C 152 6.86 -8.67 -22.51
C THR C 152 7.55 -9.12 -23.78
N LEU C 153 8.76 -8.63 -24.02
CA LEU C 153 9.56 -9.16 -25.11
C LEU C 153 10.25 -10.44 -24.62
N SER C 154 10.51 -10.47 -23.31
CA SER C 154 11.14 -11.59 -22.64
C SER C 154 10.49 -12.91 -23.07
N PRO C 155 11.31 -13.96 -23.32
CA PRO C 155 12.77 -14.09 -23.17
C PRO C 155 13.67 -13.58 -24.31
N GLY C 156 13.15 -12.76 -25.21
CA GLY C 156 13.98 -12.32 -26.31
C GLY C 156 13.59 -13.19 -27.51
N ASP C 157 13.57 -12.60 -28.70
CA ASP C 157 13.17 -13.33 -29.90
C ASP C 157 13.90 -14.61 -30.19
N ARG C 158 15.22 -14.52 -30.22
CA ARG C 158 16.06 -15.67 -30.51
C ARG C 158 15.82 -16.78 -29.48
N LEU C 159 15.97 -16.43 -28.21
CA LEU C 159 15.77 -17.40 -27.14
C LEU C 159 14.34 -17.93 -27.13
N TYR C 160 13.37 -17.11 -27.55
CA TYR C 160 11.98 -17.56 -27.58
C TYR C 160 11.84 -18.58 -28.72
N GLU C 161 12.49 -18.26 -29.82
CA GLU C 161 12.49 -19.11 -31.00
C GLU C 161 12.89 -20.53 -30.59
N ILE C 162 14.01 -20.59 -29.89
CA ILE C 162 14.58 -21.83 -29.39
C ILE C 162 13.66 -22.62 -28.45
N ILE C 163 13.19 -21.99 -27.38
CA ILE C 163 12.34 -22.72 -26.45
C ILE C 163 11.04 -23.27 -27.05
N GLN C 164 10.57 -22.69 -28.14
CA GLN C 164 9.35 -23.19 -28.79
C GLN C 164 9.56 -24.58 -29.41
N THR C 165 10.83 -24.96 -29.56
CA THR C 165 11.16 -26.26 -30.13
C THR C 165 11.26 -27.38 -29.07
N TRP C 166 11.49 -26.99 -27.82
CA TRP C 166 11.65 -27.93 -26.72
C TRP C 166 10.50 -28.93 -26.52
N SER C 167 10.90 -30.16 -26.24
CA SER C 167 9.98 -31.26 -25.98
C SER C 167 8.83 -30.89 -25.04
N HIS C 168 9.14 -30.24 -23.93
CA HIS C 168 8.13 -29.87 -22.95
C HIS C 168 7.40 -28.55 -23.17
N TYR C 169 7.78 -27.82 -24.21
CA TYR C 169 7.11 -26.56 -24.49
C TYR C 169 5.63 -26.84 -24.79
N ARG C 170 4.77 -25.88 -24.46
CA ARG C 170 3.34 -26.01 -24.69
C ARG C 170 2.68 -24.66 -25.00
N ALA C 171 1.92 -24.63 -26.10
CA ALA C 171 1.21 -23.43 -26.57
C ALA C 171 0.69 -22.60 -25.42
N GLU D 1 -15.58 27.48 -15.65
CA GLU D 1 -16.51 26.51 -14.96
C GLU D 1 -17.59 26.16 -15.96
N ASP D 2 -17.02 25.21 -16.59
CA ASP D 2 -17.42 24.58 -17.74
C ASP D 2 -17.06 23.18 -17.02
N PRO D 3 -18.03 22.24 -16.86
CA PRO D 3 -17.74 20.94 -16.20
C PRO D 3 -16.70 19.94 -16.79
N PRO D 4 -16.77 19.57 -18.07
CA PRO D 4 -15.85 18.51 -18.52
C PRO D 4 -14.39 18.87 -18.52
N ALA D 5 -14.06 19.98 -19.15
CA ALA D 5 -12.80 20.69 -18.94
C ALA D 5 -11.55 20.08 -19.61
N CYS D 6 -11.65 18.82 -20.04
CA CYS D 6 -10.47 18.12 -20.56
C CYS D 6 -10.54 16.92 -21.50
N GLY D 7 -9.42 16.76 -22.20
CA GLY D 7 -9.12 15.70 -23.13
C GLY D 7 -10.01 15.14 -24.22
N SER D 8 -9.45 15.12 -25.44
CA SER D 8 -10.12 14.47 -26.55
C SER D 8 -9.39 13.14 -26.41
N ILE D 9 -10.13 12.06 -26.45
CA ILE D 9 -9.56 10.73 -26.33
C ILE D 9 -10.29 9.90 -27.39
N VAL D 10 -9.54 9.05 -28.11
CA VAL D 10 -10.14 8.20 -29.12
C VAL D 10 -10.81 7.09 -28.31
N PRO D 11 -12.15 6.99 -28.36
CA PRO D 11 -12.83 5.95 -27.60
C PRO D 11 -12.73 4.54 -28.17
N ARG D 12 -12.89 3.55 -27.28
CA ARG D 12 -12.83 2.13 -27.63
C ARG D 12 -13.36 1.81 -29.03
N ARG D 13 -14.64 2.08 -29.24
CA ARG D 13 -15.29 1.82 -30.51
C ARG D 13 -14.59 2.49 -31.67
N GLU D 14 -14.18 3.73 -31.49
CA GLU D 14 -13.49 4.42 -32.58
C GLU D 14 -12.24 3.66 -33.00
N TRP D 15 -11.65 2.86 -32.12
CA TRP D 15 -10.49 2.07 -32.55
C TRP D 15 -10.86 0.61 -32.66
N ARG D 16 -12.17 0.36 -32.70
CA ARG D 16 -12.75 -0.98 -32.84
C ARG D 16 -12.11 -1.98 -31.89
N ALA D 17 -12.29 -1.74 -30.61
CA ALA D 17 -11.77 -2.60 -29.57
C ALA D 17 -12.80 -3.68 -29.29
N LEU D 18 -12.34 -4.81 -28.74
CA LEU D 18 -13.25 -5.87 -28.40
C LEU D 18 -13.89 -5.40 -27.10
N ALA D 19 -15.08 -5.88 -26.82
CA ALA D 19 -15.75 -5.49 -25.60
C ALA D 19 -14.87 -5.95 -24.46
N SER D 20 -14.89 -5.19 -23.37
CA SER D 20 -14.11 -5.53 -22.19
C SER D 20 -14.95 -6.44 -21.32
N GLU D 21 -14.29 -7.29 -20.55
CA GLU D 21 -15.01 -8.19 -19.65
C GLU D 21 -14.57 -7.87 -18.22
N CYS D 22 -13.83 -6.77 -18.05
CA CYS D 22 -13.33 -6.40 -16.74
C CYS D 22 -14.36 -5.67 -15.84
N ARG D 23 -14.47 -6.09 -14.59
CA ARG D 23 -15.42 -5.47 -13.66
C ARG D 23 -14.73 -4.81 -12.47
N GLU D 24 -13.52 -5.26 -12.14
CA GLU D 24 -12.80 -4.66 -11.02
C GLU D 24 -12.56 -3.16 -11.19
N ARG D 25 -12.98 -2.39 -10.20
CA ARG D 25 -12.88 -0.91 -10.21
C ARG D 25 -11.76 -0.31 -9.36
N LEU D 26 -11.23 0.81 -9.82
CA LEU D 26 -10.21 1.54 -9.09
C LEU D 26 -11.00 2.44 -8.15
N THR D 27 -10.33 2.99 -7.17
CA THR D 27 -11.00 3.87 -6.22
C THR D 27 -10.45 5.27 -6.48
N ARG D 28 -11.28 6.18 -6.97
CA ARG D 28 -10.80 7.53 -7.21
C ARG D 28 -10.88 8.32 -5.90
N PRO D 29 -10.04 9.35 -5.74
CA PRO D 29 -9.02 9.79 -6.71
C PRO D 29 -7.78 8.91 -6.59
N VAL D 30 -7.27 8.46 -7.73
CA VAL D 30 -6.07 7.59 -7.78
C VAL D 30 -4.81 8.43 -7.56
N ARG D 31 -3.85 7.89 -6.81
CA ARG D 31 -2.61 8.58 -6.48
C ARG D 31 -1.41 8.28 -7.38
N TYR D 32 -1.40 7.11 -8.00
CA TYR D 32 -0.25 6.75 -8.84
C TYR D 32 -0.51 6.52 -10.34
N VAL D 33 0.46 6.95 -11.14
CA VAL D 33 0.39 6.77 -12.58
C VAL D 33 1.67 6.03 -12.96
N VAL D 34 1.52 4.92 -13.66
CA VAL D 34 2.70 4.16 -14.09
C VAL D 34 2.86 4.23 -15.60
N VAL D 35 3.99 4.80 -16.03
CA VAL D 35 4.28 4.96 -17.44
C VAL D 35 5.09 3.81 -18.01
N SER D 36 4.53 3.13 -19.02
CA SER D 36 5.22 2.02 -19.66
C SER D 36 5.33 2.32 -21.17
N HIS D 37 5.82 1.34 -21.91
CA HIS D 37 5.89 1.41 -23.35
C HIS D 37 5.52 0.00 -23.77
N THR D 38 4.94 -0.12 -24.93
CA THR D 38 4.50 -1.38 -25.45
C THR D 38 5.67 -2.26 -25.87
N ALA D 39 6.76 -1.62 -26.18
CA ALA D 39 8.00 -2.27 -26.50
C ALA D 39 7.91 -2.94 -27.84
N GLY D 40 6.86 -2.61 -28.58
CA GLY D 40 6.60 -3.00 -29.93
C GLY D 40 6.89 -1.87 -30.87
N SER D 41 6.30 -1.92 -32.04
CA SER D 41 6.54 -0.86 -33.02
C SER D 41 5.66 0.36 -32.76
N HIS D 42 6.04 1.49 -33.29
CA HIS D 42 5.21 2.69 -33.16
C HIS D 42 4.18 2.83 -34.24
N CYS D 43 3.52 3.98 -34.26
CA CYS D 43 2.48 4.27 -35.25
C CYS D 43 2.39 5.77 -35.20
N ASP D 44 2.06 6.42 -36.30
CA ASP D 44 2.00 7.88 -36.26
C ASP D 44 0.94 8.51 -37.16
N THR D 45 -0.19 7.84 -37.26
CA THR D 45 -1.33 8.33 -37.99
C THR D 45 -2.47 7.69 -37.24
N PRO D 46 -3.65 8.33 -37.27
CA PRO D 46 -4.82 7.80 -36.58
C PRO D 46 -5.12 6.36 -36.92
N ALA D 47 -5.14 6.03 -38.22
CA ALA D 47 -5.44 4.66 -38.70
C ALA D 47 -4.41 3.61 -38.30
N SER D 48 -3.14 3.97 -38.28
CA SER D 48 -2.14 2.98 -37.88
C SER D 48 -2.24 2.81 -36.36
N CYS D 49 -2.13 3.93 -35.64
CA CYS D 49 -2.21 3.89 -34.19
C CYS D 49 -3.48 3.22 -33.69
N ALA D 50 -4.56 3.34 -34.44
CA ALA D 50 -5.82 2.72 -34.03
C ALA D 50 -5.69 1.23 -34.30
N GLN D 51 -4.91 0.91 -35.33
CA GLN D 51 -4.66 -0.45 -35.72
C GLN D 51 -3.76 -1.10 -34.68
N GLN D 52 -2.79 -0.34 -34.18
CA GLN D 52 -1.88 -0.86 -33.19
C GLN D 52 -2.51 -1.11 -31.83
N ALA D 53 -3.52 -0.31 -31.47
CA ALA D 53 -4.19 -0.50 -30.18
C ALA D 53 -4.97 -1.80 -30.24
N GLN D 54 -5.43 -2.12 -31.44
CA GLN D 54 -6.19 -3.33 -31.66
C GLN D 54 -5.25 -4.52 -31.49
N ASN D 55 -4.03 -4.41 -32.01
CA ASN D 55 -3.05 -5.50 -31.90
C ASN D 55 -2.75 -5.81 -30.44
N VAL D 56 -2.31 -4.78 -29.73
CA VAL D 56 -1.98 -4.88 -28.32
C VAL D 56 -3.12 -5.56 -27.58
N GLN D 57 -4.32 -5.02 -27.72
CA GLN D 57 -5.46 -5.62 -27.05
C GLN D 57 -5.61 -7.09 -27.46
N SER D 58 -5.43 -7.37 -28.75
CA SER D 58 -5.54 -8.74 -29.23
C SER D 58 -4.55 -9.63 -28.48
N TYR D 59 -3.31 -9.17 -28.37
CA TYR D 59 -2.28 -9.90 -27.65
C TYR D 59 -2.75 -10.23 -26.24
N HIS D 60 -3.09 -9.21 -25.46
CA HIS D 60 -3.56 -9.40 -24.09
C HIS D 60 -4.84 -10.22 -23.96
N VAL D 61 -5.76 -10.07 -24.91
CA VAL D 61 -7.03 -10.81 -24.85
C VAL D 61 -6.97 -12.18 -25.50
N ARG D 62 -6.58 -12.24 -26.78
CA ARG D 62 -6.47 -13.53 -27.51
C ARG D 62 -5.38 -14.54 -27.05
N ASN D 63 -4.17 -14.04 -26.82
CA ASN D 63 -3.09 -14.78 -26.18
C ASN D 63 -3.06 -14.99 -24.67
N LEU D 64 -3.01 -13.88 -23.92
CA LEU D 64 -3.03 -13.92 -22.46
C LEU D 64 -4.35 -14.25 -21.78
N GLY D 65 -5.46 -14.15 -22.50
CA GLY D 65 -6.76 -14.45 -21.91
C GLY D 65 -7.23 -13.41 -20.90
N TRP D 66 -6.70 -12.19 -20.98
CA TRP D 66 -7.11 -11.12 -20.07
C TRP D 66 -8.49 -10.59 -20.45
N CYS D 67 -9.18 -9.97 -19.49
CA CYS D 67 -10.52 -9.44 -19.71
C CYS D 67 -10.56 -8.26 -20.68
N ASP D 68 -9.44 -7.58 -20.85
CA ASP D 68 -9.33 -6.46 -21.78
C ASP D 68 -7.89 -6.05 -21.85
N VAL D 69 -7.56 -5.12 -22.75
CA VAL D 69 -6.17 -4.69 -22.86
C VAL D 69 -5.68 -4.24 -21.49
N GLY D 70 -4.43 -4.57 -21.19
CA GLY D 70 -3.88 -4.24 -19.88
C GLY D 70 -3.93 -2.81 -19.41
N TYR D 71 -3.49 -1.88 -20.25
CA TYR D 71 -3.40 -0.46 -19.93
C TYR D 71 -4.71 0.30 -19.77
N ASN D 72 -4.67 1.37 -19.00
CA ASN D 72 -5.84 2.19 -18.79
C ASN D 72 -5.97 3.11 -20.01
N PHE D 73 -4.83 3.52 -20.57
CA PHE D 73 -4.79 4.36 -21.78
C PHE D 73 -3.50 4.06 -22.55
N LEU D 74 -3.51 4.35 -23.84
CA LEU D 74 -2.33 4.17 -24.67
C LEU D 74 -2.09 5.49 -25.40
N ILE D 75 -0.82 5.83 -25.62
CA ILE D 75 -0.45 7.09 -26.28
C ILE D 75 0.18 6.83 -27.65
N GLY D 76 -0.43 7.37 -28.70
CA GLY D 76 0.10 7.16 -30.03
C GLY D 76 1.08 8.23 -30.45
N GLU D 77 1.87 7.96 -31.48
CA GLU D 77 2.80 8.96 -31.98
C GLU D 77 1.99 9.89 -32.92
N ASP D 78 0.70 9.56 -33.08
CA ASP D 78 -0.19 10.37 -33.89
C ASP D 78 -0.62 11.56 -33.01
N GLY D 79 -0.18 11.53 -31.75
CA GLY D 79 -0.51 12.60 -30.83
C GLY D 79 -1.88 12.45 -30.21
N LEU D 80 -2.47 11.27 -30.32
CA LEU D 80 -3.78 11.02 -29.74
C LEU D 80 -3.68 9.98 -28.62
N VAL D 81 -4.64 10.01 -27.71
CA VAL D 81 -4.71 9.06 -26.60
C VAL D 81 -5.78 8.05 -26.94
N TYR D 82 -5.49 6.79 -26.70
CA TYR D 82 -6.46 5.75 -26.97
C TYR D 82 -6.98 5.26 -25.65
N GLU D 83 -8.29 5.09 -25.60
CA GLU D 83 -8.96 4.63 -24.40
C GLU D 83 -8.74 3.14 -24.18
N GLY D 84 -8.24 2.80 -23.00
CA GLY D 84 -8.03 1.40 -22.67
C GLY D 84 -9.11 1.05 -21.66
N ARG D 85 -8.69 0.60 -20.49
CA ARG D 85 -9.65 0.27 -19.45
C ARG D 85 -10.17 1.56 -18.84
N GLY D 86 -9.45 2.65 -19.10
CA GLY D 86 -9.85 3.96 -18.63
C GLY D 86 -9.57 4.30 -17.17
N TRP D 87 -10.25 5.34 -16.71
CA TRP D 87 -10.13 5.89 -15.36
C TRP D 87 -10.71 5.08 -14.19
N ASN D 88 -11.75 4.30 -14.45
CA ASN D 88 -12.44 3.54 -13.39
C ASN D 88 -12.11 2.07 -13.20
N ILE D 89 -11.57 1.44 -14.23
CA ILE D 89 -11.29 0.01 -14.15
C ILE D 89 -9.83 -0.35 -13.87
N LYS D 90 -9.62 -1.28 -12.94
CA LYS D 90 -8.28 -1.72 -12.57
C LYS D 90 -7.60 -2.35 -13.78
N GLY D 91 -6.42 -1.86 -14.11
CA GLY D 91 -5.71 -2.39 -15.25
C GLY D 91 -4.73 -3.48 -14.85
N ALA D 92 -4.15 -4.10 -15.84
CA ALA D 92 -3.21 -5.15 -15.65
C ALA D 92 -1.86 -4.90 -16.27
N HIS D 93 -1.11 -4.01 -15.69
CA HIS D 93 0.09 -3.47 -16.33
C HIS D 93 1.28 -3.31 -15.41
N ALA D 94 1.04 -3.35 -14.10
CA ALA D 94 2.10 -3.13 -13.11
C ALA D 94 2.36 -4.20 -12.05
N GLY D 95 1.58 -5.29 -12.03
CA GLY D 95 1.67 -6.22 -10.92
C GLY D 95 0.56 -6.00 -9.90
N PRO D 96 0.26 -7.02 -9.08
CA PRO D 96 -0.79 -6.96 -8.07
C PRO D 96 -0.65 -5.85 -7.02
N THR D 97 0.56 -5.33 -6.84
CA THR D 97 0.76 -4.25 -5.87
C THR D 97 0.33 -2.89 -6.42
N TRP D 98 0.82 -2.55 -7.61
CA TRP D 98 0.50 -1.25 -8.21
C TRP D 98 -0.78 -1.14 -9.04
N ASN D 99 -1.25 -2.24 -9.61
CA ASN D 99 -2.47 -2.19 -10.42
C ASN D 99 -3.72 -1.59 -9.78
N PRO D 100 -4.04 -1.98 -8.52
CA PRO D 100 -5.25 -1.47 -7.84
C PRO D 100 -5.13 -0.08 -7.26
N ILE D 101 -3.94 0.51 -7.36
CA ILE D 101 -3.69 1.86 -6.86
C ILE D 101 -3.23 2.86 -7.92
N SER D 102 -3.19 2.45 -9.18
CA SER D 102 -2.56 3.27 -10.21
C SER D 102 -3.34 3.30 -11.49
N ILE D 103 -2.88 4.16 -12.39
CA ILE D 103 -3.44 4.32 -13.71
C ILE D 103 -2.26 4.04 -14.64
N GLY D 104 -2.39 3.03 -15.47
CA GLY D 104 -1.30 2.70 -16.36
C GLY D 104 -1.45 3.27 -17.76
N ILE D 105 -0.49 4.11 -18.15
CA ILE D 105 -0.51 4.67 -19.48
C ILE D 105 0.73 4.14 -20.20
N SER D 106 0.51 3.58 -21.38
CA SER D 106 1.60 3.01 -22.15
C SER D 106 1.77 3.71 -23.50
N PHE D 107 3.00 4.09 -23.83
CA PHE D 107 3.27 4.71 -25.12
C PHE D 107 3.46 3.57 -26.10
N MET D 108 2.72 3.60 -27.19
CA MET D 108 2.85 2.55 -28.20
C MET D 108 4.14 2.72 -29.00
N GLY D 109 5.10 1.84 -28.72
CA GLY D 109 6.38 1.87 -29.40
C GLY D 109 7.46 1.37 -28.47
N ASN D 110 8.72 1.59 -28.82
CA ASN D 110 9.84 1.18 -27.98
C ASN D 110 10.77 2.37 -27.89
N TYR D 111 10.96 2.88 -26.69
CA TYR D 111 11.77 4.07 -26.52
C TYR D 111 13.11 3.85 -25.85
N MET D 112 13.64 2.63 -25.99
CA MET D 112 14.94 2.30 -25.43
C MET D 112 16.00 3.30 -25.92
N ASN D 113 16.01 3.50 -27.22
CA ASN D 113 16.93 4.42 -27.85
C ASN D 113 16.31 5.55 -28.67
N ARG D 114 15.04 5.86 -28.42
CA ARG D 114 14.28 6.82 -29.23
C ARG D 114 13.24 7.53 -28.34
N VAL D 115 12.86 8.76 -28.67
CA VAL D 115 11.88 9.48 -27.88
C VAL D 115 10.54 9.58 -28.57
N PRO D 116 9.46 9.72 -27.78
CA PRO D 116 8.14 9.86 -28.41
C PRO D 116 8.23 11.29 -28.92
N PRO D 117 7.51 11.64 -30.01
CA PRO D 117 7.56 13.00 -30.53
C PRO D 117 6.91 13.98 -29.55
N PRO D 118 7.19 15.28 -29.67
CA PRO D 118 6.58 16.24 -28.76
C PRO D 118 5.07 16.09 -28.56
N ARG D 119 4.34 15.84 -29.63
CA ARG D 119 2.89 15.72 -29.51
C ARG D 119 2.40 14.50 -28.74
N ALA D 120 3.23 13.47 -28.61
CA ALA D 120 2.82 12.29 -27.86
C ALA D 120 2.99 12.59 -26.37
N LEU D 121 4.02 13.36 -26.07
CA LEU D 121 4.28 13.75 -24.69
C LEU D 121 3.23 14.74 -24.24
N ARG D 122 2.80 15.64 -25.14
CA ARG D 122 1.78 16.61 -24.78
C ARG D 122 0.49 15.87 -24.49
N ALA D 123 0.13 14.95 -25.36
CA ALA D 123 -1.10 14.19 -25.17
C ALA D 123 -1.10 13.44 -23.84
N ALA D 124 0.06 12.91 -23.45
CA ALA D 124 0.17 12.18 -22.21
C ALA D 124 0.05 13.08 -21.00
N GLN D 125 0.68 14.23 -21.06
CA GLN D 125 0.61 15.16 -19.94
C GLN D 125 -0.76 15.83 -19.85
N ASN D 126 -1.39 16.05 -21.00
CA ASN D 126 -2.72 16.66 -21.05
C ASN D 126 -3.72 15.67 -20.48
N LEU D 127 -3.48 14.38 -20.75
CA LEU D 127 -4.36 13.32 -20.24
C LEU D 127 -4.32 13.34 -18.72
N LEU D 128 -3.12 13.49 -18.16
CA LEU D 128 -3.00 13.53 -16.72
C LEU D 128 -3.69 14.76 -16.12
N ALA D 129 -3.54 15.92 -16.73
CA ALA D 129 -4.21 17.10 -16.20
C ALA D 129 -5.72 16.80 -16.19
N CYS D 130 -6.20 16.18 -17.27
CA CYS D 130 -7.60 15.78 -17.45
C CYS D 130 -8.02 14.91 -16.28
N GLY D 131 -7.13 14.00 -15.92
CA GLY D 131 -7.39 13.08 -14.83
C GLY D 131 -7.60 13.81 -13.53
N VAL D 132 -6.78 14.82 -13.29
CA VAL D 132 -6.90 15.58 -12.06
C VAL D 132 -8.19 16.41 -12.09
N ALA D 133 -8.42 17.09 -13.21
CA ALA D 133 -9.61 17.93 -13.36
C ALA D 133 -10.89 17.16 -13.06
N LEU D 134 -10.92 15.89 -13.43
CA LEU D 134 -12.08 15.03 -13.23
C LEU D 134 -12.14 14.38 -11.86
N GLY D 135 -11.06 14.51 -11.10
CA GLY D 135 -11.02 13.89 -9.79
C GLY D 135 -10.79 12.40 -9.94
N ALA D 136 -10.17 12.01 -11.05
CA ALA D 136 -9.87 10.61 -11.30
C ALA D 136 -8.52 10.32 -10.65
N LEU D 137 -7.67 11.34 -10.64
CA LEU D 137 -6.33 11.26 -10.06
C LEU D 137 -6.24 12.32 -8.97
N ARG D 138 -5.43 12.12 -7.96
CA ARG D 138 -5.23 13.11 -6.94
C ARG D 138 -4.50 14.28 -7.53
N SER D 139 -4.68 15.45 -6.97
CA SER D 139 -4.00 16.64 -7.47
C SER D 139 -2.50 16.45 -7.35
N ASN D 140 -2.09 15.69 -6.34
CA ASN D 140 -0.68 15.44 -6.10
C ASN D 140 -0.31 13.99 -6.41
N TYR D 141 -0.80 13.49 -7.53
CA TYR D 141 -0.53 12.11 -7.94
C TYR D 141 0.96 11.96 -8.20
N GLU D 142 1.45 10.73 -8.21
CA GLU D 142 2.87 10.47 -8.43
C GLU D 142 3.08 9.61 -9.66
N VAL D 143 4.05 9.98 -10.49
CA VAL D 143 4.32 9.20 -11.67
C VAL D 143 5.54 8.32 -11.48
N LYS D 144 5.39 7.05 -11.84
CA LYS D 144 6.48 6.11 -11.73
C LYS D 144 6.75 5.56 -13.12
N GLY D 145 7.99 5.16 -13.32
CA GLY D 145 8.34 4.52 -14.57
C GLY D 145 8.04 3.07 -14.27
N HIS D 146 7.68 2.31 -15.29
CA HIS D 146 7.36 0.90 -15.13
C HIS D 146 8.51 0.14 -14.46
N ARG D 147 9.74 0.50 -14.83
CA ARG D 147 10.92 -0.17 -14.29
C ARG D 147 11.14 0.15 -12.83
N ASP D 148 10.41 1.13 -12.32
CA ASP D 148 10.54 1.51 -10.92
C ASP D 148 9.68 0.63 -10.04
N VAL D 149 8.71 -0.07 -10.63
CA VAL D 149 7.80 -0.94 -9.87
C VAL D 149 7.79 -2.42 -10.30
N GLN D 150 8.45 -2.73 -11.41
CA GLN D 150 8.48 -4.08 -11.98
C GLN D 150 9.83 -4.21 -12.62
N PRO D 151 10.34 -5.45 -12.76
CA PRO D 151 11.64 -5.64 -13.39
C PRO D 151 11.34 -5.66 -14.90
N THR D 152 11.68 -4.55 -15.54
CA THR D 152 11.45 -4.36 -16.97
C THR D 152 12.33 -3.22 -17.46
N LEU D 153 12.49 -3.10 -18.77
CA LEU D 153 13.22 -1.96 -19.30
C LEU D 153 12.20 -0.86 -19.56
N SER D 154 10.93 -1.26 -19.60
CA SER D 154 9.82 -0.33 -19.82
C SER D 154 9.95 0.83 -18.83
N PRO D 155 9.70 2.08 -19.30
CA PRO D 155 9.26 2.57 -20.61
C PRO D 155 10.36 2.84 -21.65
N GLY D 156 11.56 2.33 -21.42
CA GLY D 156 12.66 2.56 -22.35
C GLY D 156 13.49 3.69 -21.77
N ASP D 157 14.81 3.60 -21.93
CA ASP D 157 15.73 4.60 -21.41
C ASP D 157 15.43 6.06 -21.77
N ARG D 158 15.16 6.31 -23.04
CA ARG D 158 14.89 7.67 -23.47
C ARG D 158 13.65 8.29 -22.87
N LEU D 159 12.57 7.52 -22.78
CA LEU D 159 11.33 8.01 -22.18
C LEU D 159 11.46 8.06 -20.66
N TYR D 160 12.06 7.02 -20.08
CA TYR D 160 12.25 6.98 -18.63
C TYR D 160 12.90 8.28 -18.23
N GLU D 161 13.93 8.65 -18.98
CA GLU D 161 14.71 9.86 -18.78
C GLU D 161 13.83 11.09 -18.74
N ILE D 162 12.91 11.16 -19.69
CA ILE D 162 11.99 12.29 -19.80
C ILE D 162 11.00 12.39 -18.64
N ILE D 163 10.34 11.29 -18.29
CA ILE D 163 9.38 11.36 -17.19
C ILE D 163 10.06 11.67 -15.87
N GLN D 164 11.36 11.44 -15.77
CA GLN D 164 12.05 11.75 -14.52
C GLN D 164 12.06 13.24 -14.26
N THR D 165 11.95 14.04 -15.31
CA THR D 165 11.94 15.50 -15.14
C THR D 165 10.58 16.03 -14.73
N TRP D 166 9.54 15.25 -15.00
CA TRP D 166 8.18 15.69 -14.70
C TRP D 166 7.86 16.11 -13.28
N SER D 167 6.99 17.11 -13.20
CA SER D 167 6.51 17.68 -11.96
C SER D 167 6.10 16.61 -10.94
N HIS D 168 5.26 15.67 -11.37
CA HIS D 168 4.78 14.63 -10.46
C HIS D 168 5.59 13.36 -10.35
N TYR D 169 6.73 13.28 -11.01
CA TYR D 169 7.56 12.12 -10.88
C TYR D 169 8.10 11.95 -9.46
N ARG D 170 8.07 10.72 -9.00
CA ARG D 170 8.58 10.38 -7.67
C ARG D 170 8.99 8.91 -7.74
N ALA D 171 10.29 8.66 -7.81
CA ALA D 171 10.87 7.31 -7.95
C ALA D 171 10.71 6.33 -6.78
#